data_1R4W
#
_entry.id   1R4W
#
_cell.length_a   65.900
_cell.length_b   110.790
_cell.length_c   74.740
_cell.angle_alpha   90.00
_cell.angle_beta   101.96
_cell.angle_gamma   90.00
#
_symmetry.space_group_name_H-M   'P 1 21 1'
#
loop_
_entity.id
_entity.type
_entity.pdbx_description
1 polymer 'Glutathione S-transferase, mitochondrial'
2 non-polymer GLUTATHIONE
3 water water
#
_entity_poly.entity_id   1
_entity_poly.type   'polypeptide(L)'
_entity_poly.pdbx_seq_one_letter_code
;MGPAPRVLELFYDVLSPYSWLGFEVLCRYQHLWNIKLKLRPALLAGIMKDSGNQPPAMVPHKGQYILKEIPLLKQLFQVP
MSVPKDFFGEHVKKGTVNAMRFLTAVSMEQPEMLEKVSRELWMRIWSRDEDITESQNILSAAEKAGMATAQAQHLLNKIS
TELVKSKLRETTGAACKYGAFGLPTTVAHVDGKTYMLFGSDRMELLAYLLGEKWMGPVPPTLNARL
;
_entity_poly.pdbx_strand_id   A,B,C,D
#
# COMPACT_ATOMS: atom_id res chain seq x y z
N GLY A 2 -10.23 -38.76 -6.55
CA GLY A 2 -10.53 -38.03 -7.89
C GLY A 2 -9.69 -38.35 -9.15
N PRO A 3 -9.69 -37.46 -10.20
CA PRO A 3 -8.92 -37.64 -11.47
C PRO A 3 -7.39 -37.66 -11.25
N ALA A 4 -6.68 -38.48 -12.02
CA ALA A 4 -5.23 -38.58 -11.83
C ALA A 4 -4.59 -37.22 -11.99
N PRO A 5 -3.61 -36.92 -11.18
CA PRO A 5 -2.98 -35.60 -11.32
C PRO A 5 -2.27 -35.48 -12.65
N ARG A 6 -2.17 -34.26 -13.17
CA ARG A 6 -1.46 -33.99 -14.39
C ARG A 6 0.01 -33.83 -14.01
N VAL A 7 0.89 -34.42 -14.80
CA VAL A 7 2.32 -34.35 -14.58
C VAL A 7 2.88 -33.08 -15.17
N LEU A 8 3.72 -32.42 -14.39
CA LEU A 8 4.35 -31.18 -14.86
C LEU A 8 5.85 -31.40 -14.80
N GLU A 9 6.52 -31.29 -15.93
CA GLU A 9 7.95 -31.52 -15.89
C GLU A 9 8.58 -30.14 -15.96
N LEU A 10 9.33 -29.77 -14.92
CA LEU A 10 10.00 -28.47 -14.92
C LEU A 10 11.52 -28.58 -15.17
N PHE A 11 11.97 -28.07 -16.30
CA PHE A 11 13.37 -28.11 -16.66
C PHE A 11 14.00 -26.78 -16.24
N TYR A 12 15.06 -26.84 -15.45
CA TYR A 12 15.70 -25.66 -14.89
C TYR A 12 17.20 -25.86 -14.66
N ASP A 13 17.88 -24.75 -14.43
CA ASP A 13 19.34 -24.66 -14.20
C ASP A 13 19.48 -23.53 -13.17
N VAL A 14 20.12 -23.82 -12.02
CA VAL A 14 20.27 -22.81 -10.96
C VAL A 14 21.01 -21.56 -11.45
N LEU A 15 21.67 -21.70 -12.59
CA LEU A 15 22.30 -20.56 -13.19
C LEU A 15 21.24 -19.49 -13.59
N SER A 16 19.98 -19.91 -13.77
CA SER A 16 18.94 -19.01 -14.26
C SER A 16 18.07 -18.32 -13.22
N PRO A 17 18.02 -16.98 -13.25
CA PRO A 17 17.15 -16.32 -12.24
C PRO A 17 15.64 -16.59 -12.58
N TYR A 18 15.29 -16.64 -13.85
CA TYR A 18 13.90 -16.90 -14.20
C TYR A 18 13.48 -18.29 -13.80
N SER A 19 14.41 -19.24 -13.90
CA SER A 19 14.08 -20.61 -13.50
C SER A 19 13.73 -20.65 -12.04
N TRP A 20 14.39 -19.87 -11.22
CA TRP A 20 14.09 -19.90 -9.78
C TRP A 20 12.68 -19.34 -9.54
N LEU A 21 12.30 -18.36 -10.37
CA LEU A 21 10.96 -17.74 -10.25
C LEU A 21 9.93 -18.78 -10.65
N GLY A 22 10.07 -19.35 -11.85
CA GLY A 22 9.16 -20.42 -12.27
C GLY A 22 9.11 -21.57 -11.24
N PHE A 23 10.27 -21.97 -10.73
CA PHE A 23 10.35 -23.08 -9.77
C PHE A 23 9.58 -22.81 -8.50
N GLU A 24 9.69 -21.62 -7.92
CA GLU A 24 8.96 -21.38 -6.65
C GLU A 24 7.47 -21.34 -6.87
N VAL A 25 7.05 -20.83 -8.04
CA VAL A 25 5.64 -20.80 -8.33
C VAL A 25 5.06 -22.20 -8.42
N LEU A 26 5.71 -23.10 -9.15
CA LEU A 26 5.15 -24.47 -9.26
C LEU A 26 5.27 -25.19 -7.94
N CYS A 27 6.30 -24.87 -7.17
CA CYS A 27 6.45 -25.55 -5.92
C CYS A 27 5.31 -25.24 -4.98
N ARG A 28 4.82 -24.02 -5.09
CA ARG A 28 3.73 -23.51 -4.26
C ARG A 28 2.38 -24.10 -4.70
N TYR A 29 2.26 -24.38 -6.01
CA TYR A 29 1.03 -24.89 -6.55
C TYR A 29 0.89 -26.37 -6.55
N GLN A 30 1.91 -27.07 -6.12
CA GLN A 30 1.75 -28.53 -6.17
C GLN A 30 0.90 -29.04 -5.02
N HIS A 31 0.57 -28.16 -4.06
CA HIS A 31 -0.27 -28.44 -2.87
C HIS A 31 -1.64 -27.86 -3.14
N LEU A 32 -1.85 -27.23 -4.31
CA LEU A 32 -3.16 -26.67 -4.57
C LEU A 32 -3.81 -27.24 -5.86
N TRP A 33 -3.03 -27.41 -6.93
CA TRP A 33 -3.58 -27.87 -8.18
C TRP A 33 -3.50 -29.37 -8.24
N ASN A 34 -4.29 -30.03 -9.10
CA ASN A 34 -4.24 -31.47 -9.20
C ASN A 34 -3.06 -31.81 -10.11
N ILE A 35 -1.84 -31.55 -9.64
CA ILE A 35 -0.64 -31.83 -10.45
C ILE A 35 0.34 -32.63 -9.70
N LYS A 36 1.29 -33.14 -10.47
CA LYS A 36 2.42 -33.91 -9.90
C LYS A 36 3.64 -33.21 -10.48
N LEU A 37 4.41 -32.55 -9.64
CA LEU A 37 5.57 -31.82 -10.13
C LEU A 37 6.81 -32.65 -10.25
N LYS A 38 7.33 -32.71 -11.46
CA LYS A 38 8.57 -33.48 -11.63
C LYS A 38 9.73 -32.52 -11.93
N LEU A 39 10.67 -32.35 -11.00
CA LEU A 39 11.78 -31.41 -11.27
C LEU A 39 12.84 -32.07 -12.15
N ARG A 40 13.20 -31.44 -13.27
CA ARG A 40 14.18 -32.00 -14.18
C ARG A 40 15.44 -31.14 -14.27
N PRO A 41 16.50 -31.48 -13.53
CA PRO A 41 17.69 -30.62 -13.65
C PRO A 41 18.27 -30.64 -15.05
N ALA A 42 18.37 -29.49 -15.72
CA ALA A 42 18.98 -29.43 -17.06
C ALA A 42 20.16 -28.39 -17.08
N LEU A 43 20.85 -28.27 -18.22
CA LEU A 43 21.99 -27.36 -18.34
C LEU A 43 21.63 -26.35 -19.38
N LEU A 44 21.49 -25.10 -18.95
CA LEU A 44 21.12 -24.03 -19.89
C LEU A 44 22.02 -24.03 -21.12
N ALA A 45 23.34 -24.10 -20.86
CA ALA A 45 24.39 -24.13 -21.88
C ALA A 45 24.11 -25.26 -22.87
N GLY A 46 23.73 -26.44 -22.33
CA GLY A 46 23.37 -27.60 -23.15
C GLY A 46 22.12 -27.24 -23.95
N ILE A 47 21.10 -26.65 -23.32
CA ILE A 47 19.91 -26.27 -24.08
C ILE A 47 20.17 -25.17 -25.12
N MET A 48 20.98 -24.18 -24.79
CA MET A 48 21.21 -23.08 -25.76
C MET A 48 22.06 -23.63 -26.89
N LYS A 49 22.90 -24.60 -26.56
CA LYS A 49 23.73 -25.21 -27.55
C LYS A 49 22.87 -25.93 -28.59
N ASP A 50 22.08 -26.94 -28.17
CA ASP A 50 21.26 -27.71 -29.11
C ASP A 50 20.32 -26.81 -29.96
N SER A 51 19.53 -26.01 -29.24
CA SER A 51 18.53 -25.08 -29.79
C SER A 51 19.12 -23.96 -30.68
N GLY A 52 20.46 -23.91 -30.71
CA GLY A 52 21.19 -22.92 -31.49
C GLY A 52 20.61 -21.56 -31.17
N ASN A 53 20.63 -21.21 -29.88
CA ASN A 53 20.08 -19.95 -29.39
C ASN A 53 21.25 -19.03 -29.08
N GLN A 54 21.04 -17.73 -29.33
CA GLN A 54 22.05 -16.68 -29.11
C GLN A 54 21.88 -16.04 -27.73
N PRO A 55 22.98 -15.48 -27.18
CA PRO A 55 22.93 -14.83 -25.85
C PRO A 55 21.88 -13.64 -25.78
N PRO A 56 20.79 -13.78 -24.93
CA PRO A 56 19.77 -12.70 -24.81
C PRO A 56 20.34 -11.32 -24.39
N ALA A 57 21.63 -11.31 -24.04
CA ALA A 57 22.35 -10.09 -23.63
C ALA A 57 22.95 -9.40 -24.86
N MET A 58 23.18 -10.18 -25.93
CA MET A 58 23.74 -9.66 -27.19
C MET A 58 23.23 -8.23 -27.42
N VAL A 59 21.95 -8.01 -27.07
CA VAL A 59 21.29 -6.71 -27.21
C VAL A 59 21.49 -5.89 -25.92
N PRO A 60 22.17 -4.74 -26.00
CA PRO A 60 22.41 -3.91 -24.79
C PRO A 60 21.15 -3.51 -23.98
N HIS A 61 20.05 -3.23 -24.66
CA HIS A 61 18.83 -2.87 -23.96
C HIS A 61 18.18 -4.10 -23.35
N LYS A 62 18.31 -5.26 -24.01
CA LYS A 62 17.69 -6.47 -23.46
C LYS A 62 18.38 -6.92 -22.20
N GLY A 63 19.73 -6.95 -22.19
CA GLY A 63 20.43 -7.38 -20.99
C GLY A 63 20.19 -6.41 -19.83
N GLN A 64 20.27 -5.13 -20.15
CA GLN A 64 20.01 -4.08 -19.17
C GLN A 64 18.61 -4.33 -18.59
N TYR A 65 17.61 -4.49 -19.47
CA TYR A 65 16.23 -4.73 -19.10
C TYR A 65 16.08 -5.85 -18.05
N ILE A 66 16.75 -6.98 -18.30
CA ILE A 66 16.71 -8.13 -17.41
C ILE A 66 17.16 -7.76 -16.03
N LEU A 67 18.28 -7.02 -15.95
CA LEU A 67 18.79 -6.69 -14.62
C LEU A 67 17.90 -5.71 -13.93
N LYS A 68 17.23 -4.84 -14.68
CA LYS A 68 16.30 -3.93 -13.99
C LYS A 68 14.93 -4.61 -13.59
N GLU A 69 14.52 -5.61 -14.38
CA GLU A 69 13.29 -6.37 -14.15
C GLU A 69 13.35 -7.31 -12.92
N ILE A 70 14.45 -8.05 -12.77
CA ILE A 70 14.60 -8.99 -11.67
C ILE A 70 14.24 -8.43 -10.30
N PRO A 71 14.76 -7.24 -9.94
CA PRO A 71 14.45 -6.65 -8.63
C PRO A 71 12.98 -6.39 -8.45
N LEU A 72 12.24 -6.22 -9.56
CA LEU A 72 10.77 -5.97 -9.43
C LEU A 72 10.07 -7.35 -9.31
N LEU A 73 10.38 -8.24 -10.23
CA LEU A 73 9.81 -9.57 -10.21
C LEU A 73 10.05 -10.31 -8.88
N LYS A 74 11.23 -10.15 -8.26
CA LYS A 74 11.52 -10.87 -7.01
C LYS A 74 10.51 -10.46 -5.93
N GLN A 75 10.00 -9.22 -6.01
CA GLN A 75 9.03 -8.76 -4.99
C GLN A 75 7.68 -9.44 -5.22
N LEU A 76 7.25 -9.44 -6.47
CA LEU A 76 5.98 -10.01 -6.90
C LEU A 76 5.98 -11.45 -6.49
N PHE A 77 6.99 -12.19 -6.95
CA PHE A 77 7.11 -13.60 -6.65
C PHE A 77 7.55 -13.96 -5.23
N GLN A 78 8.09 -12.97 -4.54
CA GLN A 78 8.56 -13.12 -3.14
C GLN A 78 9.67 -14.12 -3.04
N VAL A 79 10.70 -13.90 -3.87
CA VAL A 79 11.87 -14.77 -3.88
C VAL A 79 13.00 -13.82 -3.54
N PRO A 80 13.72 -14.12 -2.45
CA PRO A 80 14.82 -13.30 -1.97
C PRO A 80 16.03 -13.28 -2.88
N MET A 81 15.94 -12.77 -4.11
CA MET A 81 17.11 -12.81 -4.96
C MET A 81 17.73 -11.45 -5.19
N SER A 82 19.01 -11.39 -5.62
CA SER A 82 19.68 -10.12 -5.89
C SER A 82 20.67 -10.29 -6.98
N VAL A 83 20.69 -9.31 -7.87
CA VAL A 83 21.53 -9.39 -9.05
C VAL A 83 22.99 -9.45 -8.65
N PRO A 84 23.68 -10.54 -8.99
CA PRO A 84 25.11 -10.65 -8.63
C PRO A 84 25.90 -9.38 -8.95
N LYS A 85 27.16 -9.35 -8.47
CA LYS A 85 28.07 -8.23 -8.70
C LYS A 85 28.39 -8.22 -10.21
N ASP A 86 28.75 -9.38 -10.78
CA ASP A 86 29.05 -9.53 -12.22
C ASP A 86 28.50 -10.88 -12.72
N PHE A 87 27.18 -10.94 -12.92
CA PHE A 87 26.54 -12.19 -13.35
C PHE A 87 27.01 -12.73 -14.71
N PHE A 88 26.84 -11.90 -15.76
CA PHE A 88 27.22 -12.25 -17.15
C PHE A 88 28.75 -12.50 -17.27
N GLY A 89 29.52 -12.06 -16.26
CA GLY A 89 30.97 -12.25 -16.26
C GLY A 89 31.46 -13.52 -15.57
N GLU A 90 31.44 -13.48 -14.23
CA GLU A 90 31.90 -14.57 -13.32
C GLU A 90 31.05 -15.89 -13.14
N HIS A 91 29.77 -15.77 -12.80
CA HIS A 91 28.92 -16.96 -12.60
C HIS A 91 28.61 -17.67 -13.92
N VAL A 92 28.19 -16.91 -14.92
CA VAL A 92 27.84 -17.51 -16.21
C VAL A 92 28.97 -18.25 -16.93
N LYS A 93 30.17 -17.65 -16.92
CA LYS A 93 31.34 -18.25 -17.56
C LYS A 93 31.96 -19.33 -16.66
N LYS A 94 31.83 -19.20 -15.34
CA LYS A 94 32.36 -20.26 -14.48
C LYS A 94 31.53 -21.52 -14.77
N GLY A 95 30.19 -21.35 -14.87
CA GLY A 95 29.29 -22.47 -15.20
C GLY A 95 28.55 -23.11 -14.03
N THR A 96 27.74 -24.12 -14.31
CA THR A 96 27.00 -24.78 -13.24
C THR A 96 27.02 -26.29 -13.32
N VAL A 97 27.76 -26.81 -14.29
CA VAL A 97 27.87 -28.25 -14.47
C VAL A 97 28.01 -29.00 -13.15
N ASN A 98 28.93 -28.58 -12.29
CA ASN A 98 29.04 -29.36 -11.04
C ASN A 98 27.75 -29.36 -10.19
N ALA A 99 27.08 -28.22 -10.18
CA ALA A 99 25.87 -28.03 -9.43
C ALA A 99 24.74 -28.86 -10.07
N MET A 100 24.61 -28.74 -11.39
CA MET A 100 23.56 -29.42 -12.09
C MET A 100 23.73 -30.93 -12.07
N ARG A 101 24.99 -31.36 -12.05
CA ARG A 101 25.29 -32.78 -11.97
C ARG A 101 25.00 -33.24 -10.53
N PHE A 102 25.24 -32.39 -9.55
CA PHE A 102 24.98 -32.83 -8.18
C PHE A 102 23.48 -33.01 -7.95
N LEU A 103 22.71 -32.05 -8.51
CA LEU A 103 21.25 -32.03 -8.40
C LEU A 103 20.73 -33.26 -9.15
N THR A 104 21.36 -33.58 -10.28
CA THR A 104 21.02 -34.79 -10.99
C THR A 104 21.22 -36.04 -10.06
N ALA A 105 22.33 -36.08 -9.32
CA ALA A 105 22.60 -37.24 -8.50
C ALA A 105 21.50 -37.26 -7.50
N VAL A 106 21.25 -36.13 -6.87
CA VAL A 106 20.18 -36.05 -5.86
C VAL A 106 18.78 -36.51 -6.30
N SER A 107 18.42 -36.20 -7.55
CA SER A 107 17.16 -36.59 -8.10
C SER A 107 17.12 -38.11 -8.31
N MET A 108 18.29 -38.73 -8.53
CA MET A 108 18.39 -40.18 -8.66
C MET A 108 18.36 -40.81 -7.30
N GLU A 109 19.15 -40.34 -6.32
CA GLU A 109 19.08 -41.05 -5.04
C GLU A 109 18.26 -40.55 -3.88
N GLN A 110 18.11 -39.24 -3.79
CA GLN A 110 17.37 -38.57 -2.70
C GLN A 110 16.30 -37.66 -3.31
N PRO A 111 15.43 -38.21 -4.14
CA PRO A 111 14.40 -37.37 -4.75
C PRO A 111 13.61 -36.43 -3.78
N GLU A 112 13.46 -36.80 -2.50
CA GLU A 112 12.74 -35.86 -1.61
C GLU A 112 13.57 -34.65 -1.19
N MET A 113 14.83 -34.60 -1.62
CA MET A 113 15.64 -33.44 -1.22
C MET A 113 15.89 -32.57 -2.41
N LEU A 114 15.47 -32.99 -3.60
CA LEU A 114 15.74 -32.18 -4.78
C LEU A 114 15.28 -30.74 -4.63
N GLU A 115 14.06 -30.61 -4.12
CA GLU A 115 13.47 -29.27 -4.01
C GLU A 115 14.32 -28.39 -3.15
N LYS A 116 14.52 -28.79 -1.90
CA LYS A 116 15.32 -27.96 -0.95
C LYS A 116 16.77 -27.75 -1.40
N VAL A 117 17.44 -28.79 -1.89
CA VAL A 117 18.79 -28.56 -2.36
C VAL A 117 18.75 -27.62 -3.55
N SER A 118 17.81 -27.76 -4.48
CA SER A 118 17.82 -26.79 -5.56
C SER A 118 17.67 -25.39 -4.94
N ARG A 119 16.75 -25.20 -3.98
CA ARG A 119 16.58 -23.86 -3.42
C ARG A 119 17.87 -23.30 -2.79
N GLU A 120 18.60 -24.14 -2.08
CA GLU A 120 19.82 -23.67 -1.44
C GLU A 120 20.88 -23.24 -2.46
N LEU A 121 21.03 -23.99 -3.53
CA LEU A 121 22.00 -23.60 -4.55
C LEU A 121 21.57 -22.25 -5.09
N TRP A 122 20.28 -22.02 -5.28
CA TRP A 122 19.85 -20.68 -5.79
C TRP A 122 20.18 -19.58 -4.79
N MET A 123 20.01 -19.90 -3.51
CA MET A 123 20.26 -18.94 -2.42
C MET A 123 21.71 -18.46 -2.46
N ARG A 124 22.59 -19.36 -2.90
CA ARG A 124 23.96 -19.04 -2.99
C ARG A 124 24.24 -18.14 -4.13
N ILE A 125 24.07 -18.65 -5.33
CA ILE A 125 24.37 -17.81 -6.47
C ILE A 125 23.43 -16.63 -6.67
N TRP A 126 22.12 -16.83 -6.54
CA TRP A 126 21.21 -15.71 -6.82
C TRP A 126 20.66 -14.92 -5.66
N SER A 127 21.05 -15.29 -4.44
CA SER A 127 20.63 -14.50 -3.28
C SER A 127 21.87 -13.86 -2.61
N ARG A 128 22.91 -14.68 -2.32
CA ARG A 128 24.11 -14.22 -1.63
C ARG A 128 25.36 -14.01 -2.48
N ASP A 129 25.19 -14.09 -3.78
CA ASP A 129 26.29 -13.91 -4.72
C ASP A 129 27.48 -14.81 -4.38
N GLU A 130 27.25 -15.94 -3.70
CA GLU A 130 28.36 -16.84 -3.38
C GLU A 130 28.63 -17.77 -4.56
N ASP A 131 29.70 -18.57 -4.45
CA ASP A 131 30.11 -19.48 -5.55
C ASP A 131 29.45 -20.81 -5.37
N ILE A 132 29.20 -21.50 -6.48
CA ILE A 132 28.56 -22.85 -6.43
C ILE A 132 29.22 -23.76 -7.47
N THR A 133 30.53 -23.68 -7.54
CA THR A 133 31.27 -24.45 -8.51
C THR A 133 32.25 -25.36 -7.80
N GLU A 134 32.51 -25.02 -6.52
CA GLU A 134 33.45 -25.73 -5.66
C GLU A 134 32.78 -26.74 -4.74
N SER A 135 33.25 -27.97 -4.77
CA SER A 135 32.68 -29.01 -3.96
C SER A 135 32.21 -28.62 -2.56
N GLN A 136 33.06 -27.93 -1.81
CA GLN A 136 32.69 -27.60 -0.43
C GLN A 136 31.53 -26.62 -0.36
N ASN A 137 31.39 -25.84 -1.42
CA ASN A 137 30.28 -24.89 -1.46
C ASN A 137 28.95 -25.66 -1.78
N ILE A 138 29.01 -26.53 -2.79
CA ILE A 138 27.87 -27.34 -3.17
C ILE A 138 27.46 -28.10 -1.96
N LEU A 139 28.44 -28.65 -1.28
CA LEU A 139 28.22 -29.41 -0.03
C LEU A 139 27.56 -28.56 1.05
N SER A 140 27.94 -27.30 1.14
CA SER A 140 27.34 -26.43 2.14
C SER A 140 25.83 -26.21 1.83
N ALA A 141 25.53 -26.02 0.56
CA ALA A 141 24.15 -25.82 0.10
C ALA A 141 23.32 -27.06 0.49
N ALA A 142 23.83 -28.25 0.17
CA ALA A 142 23.12 -29.49 0.52
C ALA A 142 22.94 -29.62 2.02
N GLU A 143 23.90 -29.14 2.79
CA GLU A 143 23.77 -29.28 4.23
C GLU A 143 22.77 -28.33 4.80
N LYS A 144 22.69 -27.14 4.22
CA LYS A 144 21.70 -26.13 4.69
C LYS A 144 20.33 -26.67 4.30
N ALA A 145 20.26 -27.43 3.21
CA ALA A 145 19.00 -28.00 2.79
C ALA A 145 18.57 -29.14 3.73
N GLY A 146 19.41 -29.37 4.76
CA GLY A 146 19.16 -30.42 5.75
C GLY A 146 19.74 -31.80 5.38
N MET A 147 20.58 -31.88 4.35
CA MET A 147 21.11 -33.20 3.98
C MET A 147 22.29 -33.52 4.85
N ALA A 148 22.40 -34.78 5.32
CA ALA A 148 23.56 -35.18 6.16
C ALA A 148 24.86 -35.13 5.37
N THR A 149 25.88 -34.58 6.03
CA THR A 149 27.23 -34.41 5.43
C THR A 149 27.80 -35.65 4.72
N ALA A 150 27.64 -36.81 5.34
CA ALA A 150 28.12 -38.06 4.73
C ALA A 150 27.41 -38.30 3.38
N GLN A 151 26.06 -38.23 3.43
CA GLN A 151 25.17 -38.43 2.26
C GLN A 151 25.54 -37.40 1.17
N ALA A 152 25.65 -36.13 1.56
CA ALA A 152 26.01 -35.12 0.53
C ALA A 152 27.34 -35.46 -0.14
N GLN A 153 28.34 -35.71 0.68
CA GLN A 153 29.66 -36.07 0.16
C GLN A 153 29.53 -37.33 -0.73
N HIS A 154 28.71 -38.27 -0.28
CA HIS A 154 28.57 -39.48 -1.07
C HIS A 154 28.08 -39.20 -2.48
N LEU A 155 27.03 -38.36 -2.62
CA LEU A 155 26.47 -37.99 -3.94
C LEU A 155 27.45 -37.15 -4.73
N LEU A 156 28.13 -36.22 -4.05
CA LEU A 156 29.13 -35.36 -4.68
C LEU A 156 30.20 -36.21 -5.32
N ASN A 157 30.60 -37.29 -4.65
CA ASN A 157 31.63 -38.16 -5.23
C ASN A 157 31.23 -38.78 -6.57
N LYS A 158 29.92 -38.83 -6.80
CA LYS A 158 29.36 -39.42 -8.02
C LYS A 158 29.18 -38.53 -9.23
N ILE A 159 29.26 -37.23 -9.04
CA ILE A 159 29.03 -36.33 -10.15
C ILE A 159 29.99 -36.50 -11.29
N SER A 160 31.04 -37.27 -11.05
CA SER A 160 32.09 -37.50 -12.06
C SER A 160 31.80 -38.81 -12.80
N THR A 161 30.89 -39.60 -12.19
CA THR A 161 30.44 -40.87 -12.72
C THR A 161 29.81 -40.68 -14.11
N GLU A 162 29.73 -41.77 -14.85
CA GLU A 162 29.13 -41.72 -16.18
C GLU A 162 27.61 -41.78 -16.01
N LEU A 163 27.11 -42.48 -14.98
CA LEU A 163 25.66 -42.57 -14.78
C LEU A 163 25.09 -41.13 -14.61
N VAL A 164 25.67 -40.38 -13.70
CA VAL A 164 25.21 -39.06 -13.48
C VAL A 164 25.46 -38.15 -14.67
N LYS A 165 26.64 -38.22 -15.27
CA LYS A 165 26.97 -37.34 -16.40
C LYS A 165 26.01 -37.51 -17.54
N SER A 166 25.68 -38.77 -17.84
CA SER A 166 24.78 -38.97 -18.97
C SER A 166 23.32 -38.76 -18.58
N LYS A 167 23.01 -38.95 -17.30
CA LYS A 167 21.65 -38.65 -16.86
C LYS A 167 21.36 -37.12 -17.14
N LEU A 168 22.34 -36.25 -16.80
CA LEU A 168 22.21 -34.81 -17.01
C LEU A 168 22.06 -34.55 -18.47
N ARG A 169 22.91 -35.13 -19.28
CA ARG A 169 22.83 -34.93 -20.73
C ARG A 169 21.49 -35.42 -21.28
N GLU A 170 20.93 -36.46 -20.68
CA GLU A 170 19.67 -37.04 -21.18
C GLU A 170 18.53 -36.03 -20.83
N THR A 171 18.49 -35.68 -19.55
CA THR A 171 17.48 -34.77 -19.09
C THR A 171 17.47 -33.47 -19.90
N THR A 172 18.65 -32.90 -20.23
CA THR A 172 18.63 -31.65 -20.99
C THR A 172 18.33 -31.87 -22.50
N GLY A 173 18.50 -33.13 -22.95
CA GLY A 173 18.24 -33.52 -24.33
C GLY A 173 16.72 -33.69 -24.44
N ALA A 174 16.10 -34.22 -23.38
CA ALA A 174 14.63 -34.40 -23.39
C ALA A 174 13.99 -33.00 -23.54
N ALA A 175 14.52 -32.02 -22.80
CA ALA A 175 13.94 -30.70 -22.93
C ALA A 175 14.05 -30.23 -24.38
N CYS A 176 15.19 -30.42 -25.05
CA CYS A 176 15.28 -29.95 -26.46
C CYS A 176 14.32 -30.72 -27.32
N LYS A 177 14.30 -32.04 -27.14
CA LYS A 177 13.37 -32.85 -27.93
C LYS A 177 11.93 -32.27 -27.78
N TYR A 178 11.62 -31.66 -26.65
CA TYR A 178 10.30 -31.08 -26.46
C TYR A 178 10.20 -29.74 -27.14
N GLY A 179 11.31 -29.23 -27.68
CA GLY A 179 11.30 -27.92 -28.35
C GLY A 179 11.95 -26.81 -27.50
N ALA A 180 12.52 -27.18 -26.35
CA ALA A 180 13.12 -26.13 -25.52
C ALA A 180 14.21 -25.31 -26.25
N PHE A 181 14.26 -24.00 -25.98
CA PHE A 181 15.24 -23.12 -26.55
C PHE A 181 15.86 -22.26 -25.44
N GLY A 182 15.42 -22.46 -24.19
CA GLY A 182 15.93 -21.71 -23.06
C GLY A 182 15.28 -22.30 -21.79
N LEU A 183 15.51 -21.67 -20.64
CA LEU A 183 14.96 -22.14 -19.36
C LEU A 183 14.39 -20.89 -18.68
N PRO A 184 13.36 -21.06 -17.84
CA PRO A 184 12.78 -22.38 -17.57
C PRO A 184 11.88 -22.87 -18.69
N THR A 185 11.80 -24.20 -18.85
CA THR A 185 10.87 -24.81 -19.79
C THR A 185 9.99 -25.78 -18.96
N THR A 186 8.66 -25.66 -19.05
CA THR A 186 7.73 -26.51 -18.27
C THR A 186 6.94 -27.31 -19.29
N VAL A 187 6.86 -28.63 -19.14
CA VAL A 187 6.09 -29.42 -20.06
C VAL A 187 4.90 -30.03 -19.34
N ALA A 188 3.70 -29.71 -19.80
CA ALA A 188 2.47 -30.20 -19.13
C ALA A 188 1.78 -31.27 -19.97
N HIS A 189 1.48 -32.36 -19.28
CA HIS A 189 0.83 -33.53 -19.86
C HIS A 189 -0.63 -33.52 -19.30
N VAL A 190 -1.61 -33.14 -20.14
CA VAL A 190 -3.04 -33.01 -19.80
C VAL A 190 -3.91 -33.72 -20.83
N ASP A 191 -4.77 -34.60 -20.36
CA ASP A 191 -5.68 -35.36 -21.22
C ASP A 191 -5.08 -35.74 -22.58
N GLY A 192 -3.94 -36.43 -22.56
CA GLY A 192 -3.36 -36.87 -23.82
C GLY A 192 -2.66 -35.80 -24.62
N LYS A 193 -2.64 -34.57 -24.12
CA LYS A 193 -1.96 -33.48 -24.85
C LYS A 193 -0.66 -33.04 -24.20
N THR A 194 0.25 -32.51 -24.98
CA THR A 194 1.49 -32.04 -24.39
C THR A 194 1.75 -30.55 -24.67
N TYR A 195 1.87 -29.76 -23.61
CA TYR A 195 2.14 -28.35 -23.83
C TYR A 195 3.53 -28.01 -23.33
N MET A 196 4.26 -27.21 -24.09
CA MET A 196 5.59 -26.80 -23.68
C MET A 196 5.47 -25.29 -23.51
N LEU A 197 5.76 -24.79 -22.31
CA LEU A 197 5.66 -23.36 -22.01
C LEU A 197 7.04 -22.79 -21.63
N PHE A 198 7.44 -21.69 -22.23
CA PHE A 198 8.72 -21.16 -21.82
C PHE A 198 8.62 -19.97 -20.79
N GLY A 199 9.51 -19.91 -19.83
CA GLY A 199 9.46 -18.78 -18.90
C GLY A 199 8.69 -18.89 -17.59
N SER A 200 8.87 -17.91 -16.74
CA SER A 200 8.21 -17.95 -15.45
C SER A 200 6.91 -17.12 -15.47
N ASP A 201 6.64 -16.54 -16.64
CA ASP A 201 5.42 -15.76 -16.83
C ASP A 201 4.41 -16.53 -17.74
N ARG A 202 4.48 -17.85 -17.72
CA ARG A 202 3.45 -18.60 -18.46
C ARG A 202 2.65 -19.43 -17.44
N MET A 203 2.84 -19.19 -16.13
CA MET A 203 2.08 -19.97 -15.15
C MET A 203 0.60 -19.66 -15.21
N GLU A 204 0.25 -18.42 -15.48
CA GLU A 204 -1.18 -18.09 -15.64
C GLU A 204 -1.73 -18.81 -16.92
N LEU A 205 -0.99 -18.87 -18.04
CA LEU A 205 -1.52 -19.63 -19.20
C LEU A 205 -1.62 -21.13 -18.78
N LEU A 206 -0.62 -21.66 -18.06
CA LEU A 206 -0.70 -23.04 -17.70
C LEU A 206 -1.98 -23.34 -16.88
N ALA A 207 -2.36 -22.50 -15.94
CA ALA A 207 -3.54 -22.73 -15.13
C ALA A 207 -4.72 -22.84 -16.07
N TYR A 208 -4.75 -22.00 -17.09
CA TYR A 208 -5.86 -21.99 -18.04
C TYR A 208 -5.88 -23.34 -18.73
N LEU A 209 -4.73 -23.81 -19.22
CA LEU A 209 -4.74 -25.08 -19.92
C LEU A 209 -5.10 -26.23 -19.00
N LEU A 210 -4.84 -26.06 -17.71
CA LEU A 210 -5.06 -27.12 -16.73
C LEU A 210 -6.45 -27.09 -16.16
N GLY A 211 -7.16 -25.96 -16.37
CA GLY A 211 -8.49 -25.81 -15.83
C GLY A 211 -8.37 -25.50 -14.35
N GLU A 212 -7.20 -25.02 -13.93
CA GLU A 212 -6.94 -24.64 -12.54
C GLU A 212 -7.08 -23.18 -12.37
N LYS A 213 -7.29 -22.77 -11.13
CA LYS A 213 -7.46 -21.37 -10.77
C LYS A 213 -6.12 -20.69 -10.52
N TRP A 214 -5.92 -19.53 -11.16
CA TRP A 214 -4.70 -18.77 -11.00
C TRP A 214 -4.87 -17.75 -9.92
N MET A 215 -4.02 -17.82 -8.93
CA MET A 215 -4.08 -16.86 -7.85
C MET A 215 -2.80 -16.05 -7.65
N GLY A 216 -2.08 -15.70 -8.71
CA GLY A 216 -0.86 -14.95 -8.51
C GLY A 216 0.34 -15.85 -8.20
N PRO A 217 1.55 -15.30 -8.26
CA PRO A 217 2.74 -16.12 -7.97
C PRO A 217 2.81 -16.68 -6.55
N VAL A 218 2.04 -16.05 -5.65
CA VAL A 218 2.08 -16.41 -4.22
C VAL A 218 0.65 -16.71 -3.75
N PRO A 219 0.11 -17.83 -4.22
CA PRO A 219 -1.23 -18.29 -3.91
C PRO A 219 -1.35 -18.54 -2.41
N PRO A 220 -2.58 -18.44 -1.90
CA PRO A 220 -2.85 -18.65 -0.48
C PRO A 220 -2.68 -20.10 -0.06
N THR A 221 -1.97 -20.33 1.04
CA THR A 221 -1.75 -21.68 1.51
C THR A 221 -3.10 -22.21 2.04
N LEU A 222 -3.35 -23.53 1.84
CA LEU A 222 -4.62 -24.17 2.24
C LEU A 222 -5.09 -23.72 3.66
N GLY B 2 -9.84 11.89 -4.68
CA GLY B 2 -9.10 10.70 -5.15
C GLY B 2 -7.79 11.05 -5.86
N PRO B 3 -6.78 10.15 -5.78
CA PRO B 3 -5.44 10.30 -6.37
C PRO B 3 -5.49 10.36 -7.85
N ALA B 4 -4.71 11.28 -8.41
CA ALA B 4 -4.72 11.41 -9.85
C ALA B 4 -4.35 10.07 -10.47
N PRO B 5 -5.03 9.69 -11.53
CA PRO B 5 -4.75 8.42 -12.22
C PRO B 5 -3.29 8.34 -12.70
N ARG B 6 -2.79 7.11 -12.84
CA ARG B 6 -1.43 6.91 -13.26
C ARG B 6 -1.47 6.81 -14.79
N VAL B 7 -0.55 7.50 -15.46
CA VAL B 7 -0.47 7.48 -16.89
C VAL B 7 0.32 6.27 -17.29
N LEU B 8 -0.20 5.57 -18.28
CA LEU B 8 0.42 4.34 -18.80
C LEU B 8 0.66 4.59 -20.27
N GLU B 9 1.88 4.49 -20.75
CA GLU B 9 2.05 4.73 -22.17
C GLU B 9 2.23 3.39 -22.84
N LEU B 10 1.38 3.05 -23.81
CA LEU B 10 1.52 1.76 -24.51
C LEU B 10 2.06 1.98 -25.92
N PHE B 11 3.25 1.45 -26.20
CA PHE B 11 3.82 1.58 -27.52
C PHE B 11 3.47 0.30 -28.26
N TYR B 12 2.91 0.42 -29.45
CA TYR B 12 2.51 -0.79 -30.18
C TYR B 12 2.60 -0.56 -31.67
N ASP B 13 2.55 -1.65 -32.43
CA ASP B 13 2.60 -1.61 -33.86
C ASP B 13 1.59 -2.68 -34.27
N VAL B 14 0.63 -2.38 -35.16
CA VAL B 14 -0.36 -3.42 -35.50
C VAL B 14 0.25 -4.68 -36.14
N LEU B 15 1.50 -4.58 -36.54
CA LEU B 15 2.22 -5.69 -37.13
C LEU B 15 2.39 -6.78 -36.07
N SER B 16 2.37 -6.38 -34.80
CA SER B 16 2.66 -7.26 -33.65
C SER B 16 1.51 -8.03 -33.01
N PRO B 17 1.56 -9.36 -33.06
CA PRO B 17 0.42 -10.03 -32.43
C PRO B 17 0.47 -9.88 -30.88
N TYR B 18 1.66 -9.83 -30.31
CA TYR B 18 1.66 -9.66 -28.85
C TYR B 18 1.23 -8.24 -28.43
N SER B 19 1.49 -7.24 -29.30
CA SER B 19 1.06 -5.86 -29.00
C SER B 19 -0.48 -5.80 -28.91
N TRP B 20 -1.13 -6.61 -29.72
CA TRP B 20 -2.58 -6.63 -29.69
C TRP B 20 -3.05 -7.24 -28.35
N LEU B 21 -2.32 -8.24 -27.87
CA LEU B 21 -2.74 -8.88 -26.62
C LEU B 21 -2.61 -7.89 -25.47
N GLY B 22 -1.44 -7.21 -25.39
CA GLY B 22 -1.18 -6.22 -24.34
C GLY B 22 -2.18 -5.08 -24.44
N PHE B 23 -2.43 -4.69 -25.69
CA PHE B 23 -3.38 -3.63 -26.03
C PHE B 23 -4.78 -3.95 -25.49
N GLU B 24 -5.29 -5.15 -25.74
CA GLU B 24 -6.65 -5.42 -25.27
C GLU B 24 -6.71 -5.46 -23.76
N VAL B 25 -5.69 -6.05 -23.15
CA VAL B 25 -5.65 -6.13 -21.70
C VAL B 25 -5.74 -4.73 -21.10
N LEU B 26 -4.89 -3.80 -21.53
CA LEU B 26 -4.94 -2.46 -20.98
C LEU B 26 -6.23 -1.72 -21.33
N CYS B 27 -6.73 -1.96 -22.54
CA CYS B 27 -8.01 -1.29 -22.89
C CYS B 27 -9.15 -1.72 -21.94
N ARG B 28 -9.15 -2.98 -21.51
CA ARG B 28 -10.19 -3.52 -20.57
C ARG B 28 -10.00 -3.04 -19.12
N TYR B 29 -8.78 -2.68 -18.74
CA TYR B 29 -8.51 -2.27 -17.39
C TYR B 29 -8.55 -0.78 -17.19
N GLN B 30 -8.62 -0.01 -18.25
CA GLN B 30 -8.67 1.45 -18.07
C GLN B 30 -10.02 1.84 -17.45
N HIS B 31 -10.93 0.87 -17.27
CA HIS B 31 -12.25 1.15 -16.70
C HIS B 31 -12.28 0.66 -15.30
N LEU B 32 -11.23 -0.08 -14.89
CA LEU B 32 -11.16 -0.66 -13.57
C LEU B 32 -10.07 -0.09 -12.71
N TRP B 33 -8.91 0.20 -13.32
CA TRP B 33 -7.76 0.71 -12.56
C TRP B 33 -7.73 2.21 -12.54
N ASN B 34 -7.07 2.80 -11.55
CA ASN B 34 -6.98 4.24 -11.54
C ASN B 34 -5.81 4.62 -12.48
N ILE B 35 -6.02 4.36 -13.79
CA ILE B 35 -5.01 4.69 -14.81
C ILE B 35 -5.53 5.58 -15.98
N LYS B 36 -4.61 6.04 -16.79
CA LYS B 36 -4.95 6.84 -17.94
C LYS B 36 -4.11 6.21 -19.07
N LEU B 37 -4.79 5.52 -19.98
CA LEU B 37 -4.10 4.87 -21.05
C LEU B 37 -3.80 5.85 -22.21
N LYS B 38 -2.53 5.90 -22.59
CA LYS B 38 -2.07 6.78 -23.69
C LYS B 38 -1.47 5.88 -24.75
N LEU B 39 -2.24 5.66 -25.82
CA LEU B 39 -1.82 4.78 -26.92
C LEU B 39 -0.76 5.57 -27.68
N ARG B 40 0.40 4.96 -27.89
CA ARG B 40 1.52 5.55 -28.60
C ARG B 40 1.86 4.73 -29.84
N PRO B 41 1.30 5.08 -31.04
CA PRO B 41 1.66 4.26 -32.23
C PRO B 41 3.17 4.35 -32.48
N ALA B 42 3.85 3.22 -32.59
CA ALA B 42 5.28 3.19 -32.86
C ALA B 42 5.56 2.15 -34.02
N LEU B 43 6.77 2.14 -34.60
CA LEU B 43 7.09 1.22 -35.69
C LEU B 43 8.06 0.14 -35.21
N LEU B 44 7.62 -1.11 -35.17
CA LEU B 44 8.52 -2.15 -34.70
C LEU B 44 9.89 -2.05 -35.34
N ALA B 45 9.88 -1.98 -36.68
CA ALA B 45 11.13 -1.90 -37.44
C ALA B 45 12.04 -0.79 -36.90
N GLY B 46 11.47 0.39 -36.63
CA GLY B 46 12.26 1.45 -36.06
C GLY B 46 12.79 1.01 -34.72
N ILE B 47 11.98 0.33 -33.88
CA ILE B 47 12.50 -0.10 -32.53
C ILE B 47 13.60 -1.13 -32.68
N MET B 48 13.42 -2.01 -33.68
CA MET B 48 14.35 -3.09 -33.99
C MET B 48 15.72 -2.53 -34.45
N LYS B 49 15.67 -1.37 -35.10
CA LYS B 49 16.85 -0.68 -35.62
C LYS B 49 17.51 0.24 -34.56
N ASP B 50 16.70 1.10 -33.94
CA ASP B 50 17.20 2.07 -32.95
C ASP B 50 17.51 1.36 -31.62
N SER B 51 17.80 0.06 -31.71
CA SER B 51 18.15 -0.80 -30.56
C SER B 51 19.03 -2.01 -30.97
N GLY B 52 19.05 -2.32 -32.27
CA GLY B 52 19.84 -3.43 -32.77
C GLY B 52 19.30 -4.77 -32.29
N ASN B 53 17.99 -4.96 -32.38
CA ASN B 53 17.40 -6.23 -31.95
C ASN B 53 16.73 -6.93 -33.16
N GLN B 54 17.27 -8.11 -33.53
CA GLN B 54 16.78 -8.88 -34.68
C GLN B 54 15.43 -9.63 -34.37
N PRO B 55 14.70 -10.08 -35.44
CA PRO B 55 13.41 -10.81 -35.26
C PRO B 55 13.65 -12.04 -34.37
N PRO B 56 12.73 -12.31 -33.40
CA PRO B 56 12.82 -13.46 -32.48
C PRO B 56 12.70 -14.85 -33.17
N ALA B 57 12.26 -14.85 -34.43
CA ALA B 57 12.15 -16.09 -35.19
C ALA B 57 13.53 -16.63 -35.68
N MET B 58 14.61 -15.83 -35.57
CA MET B 58 15.95 -16.25 -36.03
C MET B 58 16.39 -17.59 -35.38
N VAL B 59 15.93 -17.83 -34.15
CA VAL B 59 16.24 -19.08 -33.45
C VAL B 59 15.14 -20.08 -33.84
N PRO B 60 15.45 -21.04 -34.73
CA PRO B 60 14.47 -22.05 -35.20
C PRO B 60 13.45 -22.54 -34.14
N HIS B 61 13.95 -23.14 -33.07
CA HIS B 61 13.06 -23.64 -32.04
C HIS B 61 12.13 -22.60 -31.49
N LYS B 62 12.59 -21.35 -31.50
CA LYS B 62 11.82 -20.19 -31.02
C LYS B 62 10.72 -19.69 -32.00
N GLY B 63 10.98 -19.57 -33.28
CA GLY B 63 9.87 -19.12 -34.11
C GLY B 63 8.70 -20.10 -34.00
N GLN B 64 9.03 -21.38 -34.01
CA GLN B 64 8.02 -22.43 -33.92
C GLN B 64 7.19 -22.28 -32.64
N TYR B 65 7.86 -21.90 -31.55
CA TYR B 65 7.19 -21.75 -30.26
C TYR B 65 6.15 -20.65 -30.36
N ILE B 66 6.51 -19.56 -31.01
CA ILE B 66 5.60 -18.43 -31.13
C ILE B 66 4.31 -18.82 -31.81
N LEU B 67 4.41 -19.49 -32.96
CA LEU B 67 3.21 -19.89 -33.75
C LEU B 67 2.37 -20.94 -33.04
N LYS B 68 3.00 -21.74 -32.19
CA LYS B 68 2.20 -22.71 -31.42
C LYS B 68 1.52 -22.05 -30.18
N GLU B 69 2.19 -21.07 -29.61
CA GLU B 69 1.73 -20.35 -28.44
C GLU B 69 0.57 -19.40 -28.69
N ILE B 70 0.56 -18.72 -29.86
CA ILE B 70 -0.48 -17.73 -30.21
C ILE B 70 -1.92 -18.22 -30.11
N PRO B 71 -2.17 -19.42 -30.66
CA PRO B 71 -3.47 -20.08 -30.66
C PRO B 71 -3.94 -20.34 -29.25
N LEU B 72 -2.99 -20.55 -28.34
CA LEU B 72 -3.38 -20.82 -26.92
C LEU B 72 -3.59 -19.51 -26.16
N LEU B 73 -2.76 -18.53 -26.42
CA LEU B 73 -2.88 -17.22 -25.76
C LEU B 73 -4.16 -16.44 -26.22
N LYS B 74 -4.56 -16.64 -27.47
CA LYS B 74 -5.73 -15.96 -28.02
C LYS B 74 -6.92 -16.41 -27.29
N GLN B 75 -6.93 -17.66 -26.83
CA GLN B 75 -8.08 -18.15 -26.08
C GLN B 75 -8.12 -17.55 -24.68
N LEU B 76 -7.00 -17.64 -23.97
CA LEU B 76 -6.88 -17.05 -22.63
C LEU B 76 -7.32 -15.60 -22.69
N PHE B 77 -6.73 -14.84 -23.61
CA PHE B 77 -7.00 -13.43 -23.72
C PHE B 77 -8.31 -13.09 -24.40
N GLN B 78 -8.89 -14.07 -25.10
CA GLN B 78 -10.14 -13.83 -25.80
C GLN B 78 -10.02 -12.78 -26.86
N VAL B 79 -9.03 -12.95 -27.74
CA VAL B 79 -8.79 -12.02 -28.83
C VAL B 79 -8.79 -12.90 -30.10
N PRO B 80 -9.76 -12.66 -31.01
CA PRO B 80 -9.93 -13.39 -32.27
C PRO B 80 -8.81 -13.35 -33.27
N MET B 81 -7.62 -13.84 -32.90
CA MET B 81 -6.54 -13.79 -33.87
C MET B 81 -6.23 -15.14 -34.43
N SER B 82 -5.55 -15.13 -35.59
CA SER B 82 -5.16 -16.33 -36.33
C SER B 82 -3.88 -15.97 -37.07
N VAL B 83 -2.91 -16.86 -36.99
CA VAL B 83 -1.60 -16.63 -37.59
C VAL B 83 -1.59 -16.56 -39.11
N PRO B 84 -0.95 -15.52 -39.69
CA PRO B 84 -0.89 -15.38 -41.16
C PRO B 84 -0.14 -16.54 -41.81
N LYS B 85 -0.06 -16.50 -43.14
CA LYS B 85 0.60 -17.53 -43.94
C LYS B 85 2.05 -17.15 -44.23
N ASP B 86 2.23 -16.12 -45.03
CA ASP B 86 3.60 -15.72 -45.34
C ASP B 86 3.96 -14.54 -44.47
N PHE B 87 3.88 -14.74 -43.15
CA PHE B 87 4.17 -13.68 -42.17
C PHE B 87 5.46 -12.87 -42.50
N PHE B 88 6.50 -13.59 -42.97
CA PHE B 88 7.83 -13.04 -43.35
C PHE B 88 7.87 -12.37 -44.75
N GLY B 89 7.95 -13.20 -45.81
CA GLY B 89 7.99 -12.70 -47.19
C GLY B 89 6.70 -12.05 -47.71
N GLU B 90 5.85 -11.58 -46.79
CA GLU B 90 4.60 -10.91 -47.18
C GLU B 90 4.24 -9.76 -46.20
N HIS B 91 3.60 -10.13 -45.08
CA HIS B 91 3.17 -9.14 -44.08
C HIS B 91 4.31 -8.40 -43.44
N VAL B 92 5.33 -9.13 -42.98
CA VAL B 92 6.48 -8.45 -42.37
C VAL B 92 7.37 -7.83 -43.46
N LYS B 93 7.93 -8.67 -44.35
CA LYS B 93 8.78 -8.21 -45.45
C LYS B 93 8.26 -6.85 -45.98
N LYS B 94 6.92 -6.73 -46.13
CA LYS B 94 6.30 -5.48 -46.61
C LYS B 94 6.48 -4.32 -45.60
N GLY B 95 5.72 -4.33 -44.51
CA GLY B 95 5.84 -3.26 -43.53
C GLY B 95 4.49 -2.67 -43.15
N THR B 96 4.48 -1.92 -42.04
CA THR B 96 3.22 -1.31 -41.59
C THR B 96 3.29 0.22 -41.54
N VAL B 97 4.42 0.77 -41.99
CA VAL B 97 4.67 2.21 -42.00
C VAL B 97 3.46 3.07 -42.31
N ASN B 98 2.63 2.58 -43.23
CA ASN B 98 1.44 3.28 -43.67
C ASN B 98 0.39 3.32 -42.61
N ALA B 99 0.08 2.12 -42.11
CA ALA B 99 -0.89 1.91 -41.06
C ALA B 99 -0.41 2.62 -39.79
N MET B 100 0.88 2.56 -39.47
CA MET B 100 1.29 3.28 -38.26
C MET B 100 1.26 4.82 -38.45
N ARG B 101 1.48 5.27 -39.70
CA ARG B 101 1.43 6.71 -39.95
C ARG B 101 -0.02 7.16 -39.87
N PHE B 102 -0.95 6.37 -40.40
CA PHE B 102 -2.34 6.74 -40.31
C PHE B 102 -2.76 6.80 -38.84
N LEU B 103 -2.38 5.76 -38.09
CA LEU B 103 -2.71 5.71 -36.64
C LEU B 103 -2.10 6.94 -35.93
N THR B 104 -0.94 7.40 -36.42
CA THR B 104 -0.36 8.59 -35.82
C THR B 104 -1.21 9.84 -36.10
N ALA B 105 -1.71 9.95 -37.33
CA ALA B 105 -2.54 11.09 -37.71
C ALA B 105 -3.80 11.00 -36.88
N VAL B 106 -4.29 9.78 -36.68
CA VAL B 106 -5.52 9.67 -35.88
C VAL B 106 -5.30 10.13 -34.45
N SER B 107 -4.13 9.78 -33.88
CA SER B 107 -3.84 10.15 -32.53
C SER B 107 -3.69 11.67 -32.43
N MET B 108 -3.27 12.32 -33.51
CA MET B 108 -3.16 13.79 -33.47
C MET B 108 -4.52 14.46 -33.68
N GLU B 109 -5.31 14.09 -34.66
CA GLU B 109 -6.59 14.79 -34.80
C GLU B 109 -7.86 14.27 -34.23
N GLN B 110 -7.96 12.95 -34.10
CA GLN B 110 -9.14 12.16 -33.65
C GLN B 110 -8.72 11.22 -32.53
N PRO B 111 -8.16 11.77 -31.47
CA PRO B 111 -7.72 10.89 -30.38
C PRO B 111 -8.77 9.90 -29.85
N GLU B 112 -10.04 10.26 -29.73
CA GLU B 112 -11.05 9.25 -29.23
C GLU B 112 -11.31 8.04 -30.16
N MET B 113 -10.85 8.14 -31.40
CA MET B 113 -10.98 6.99 -32.30
C MET B 113 -9.71 6.13 -32.31
N LEU B 114 -8.62 6.57 -31.69
CA LEU B 114 -7.39 5.74 -31.74
C LEU B 114 -7.60 4.26 -31.39
N GLU B 115 -8.30 4.03 -30.27
CA GLU B 115 -8.51 2.65 -29.81
C GLU B 115 -9.21 1.81 -30.87
N LYS B 116 -10.40 2.26 -31.30
CA LYS B 116 -11.14 1.48 -32.26
C LYS B 116 -10.49 1.33 -33.57
N VAL B 117 -9.86 2.38 -34.08
CA VAL B 117 -9.21 2.17 -35.38
C VAL B 117 -8.10 1.15 -35.25
N SER B 118 -7.30 1.23 -34.17
CA SER B 118 -6.20 0.29 -33.96
C SER B 118 -6.79 -1.07 -33.93
N ARG B 119 -7.85 -1.26 -33.14
CA ARG B 119 -8.46 -2.59 -33.09
C ARG B 119 -8.91 -3.09 -34.51
N GLU B 120 -9.46 -2.22 -35.36
CA GLU B 120 -9.86 -2.67 -36.69
C GLU B 120 -8.66 -3.00 -37.58
N LEU B 121 -7.56 -2.28 -37.47
CA LEU B 121 -6.39 -2.65 -38.30
C LEU B 121 -5.85 -4.01 -37.90
N TRP B 122 -5.94 -4.36 -36.61
CA TRP B 122 -5.43 -5.66 -36.19
C TRP B 122 -6.43 -6.70 -36.74
N MET B 123 -7.73 -6.40 -36.63
CA MET B 123 -8.73 -7.34 -37.13
C MET B 123 -8.41 -7.74 -38.57
N ARG B 124 -7.87 -6.80 -39.33
CA ARG B 124 -7.53 -7.10 -40.71
C ARG B 124 -6.35 -8.00 -40.78
N ILE B 125 -5.18 -7.49 -40.42
CA ILE B 125 -3.97 -8.31 -40.51
C ILE B 125 -3.93 -9.53 -39.59
N TRP B 126 -4.23 -9.33 -38.30
CA TRP B 126 -4.16 -10.47 -37.41
C TRP B 126 -5.40 -11.28 -37.11
N SER B 127 -6.52 -10.97 -37.77
CA SER B 127 -7.71 -11.80 -37.56
C SER B 127 -8.29 -12.38 -38.87
N ARG B 128 -8.24 -11.60 -39.96
CA ARG B 128 -8.74 -12.03 -41.27
C ARG B 128 -7.62 -12.11 -42.30
N ASP B 129 -6.38 -11.98 -41.85
CA ASP B 129 -5.24 -12.08 -42.80
C ASP B 129 -5.40 -11.18 -44.07
N GLU B 130 -6.15 -10.08 -43.96
CA GLU B 130 -6.31 -9.14 -45.09
C GLU B 130 -5.10 -8.20 -45.09
N ASP B 131 -4.99 -7.35 -46.10
CA ASP B 131 -3.86 -6.39 -46.26
C ASP B 131 -4.17 -5.05 -45.58
N ILE B 132 -3.12 -4.38 -45.14
CA ILE B 132 -3.32 -3.08 -44.46
C ILE B 132 -2.20 -2.16 -44.90
N THR B 133 -1.82 -2.30 -46.16
CA THR B 133 -0.77 -1.47 -46.68
C THR B 133 -1.32 -0.51 -47.71
N GLU B 134 -2.51 -0.83 -48.20
CA GLU B 134 -3.16 -0.04 -49.25
C GLU B 134 -4.17 0.92 -48.65
N SER B 135 -4.13 2.16 -49.11
CA SER B 135 -5.03 3.17 -48.61
C SER B 135 -6.46 2.73 -48.45
N GLN B 136 -7.04 2.20 -49.51
CA GLN B 136 -8.45 1.79 -49.47
C GLN B 136 -8.78 0.69 -48.43
N ASN B 137 -7.72 0.01 -48.02
CA ASN B 137 -7.84 -1.02 -47.00
C ASN B 137 -7.83 -0.32 -45.62
N ILE B 138 -6.78 0.46 -45.40
CA ILE B 138 -6.69 1.24 -44.16
C ILE B 138 -8.02 1.99 -44.03
N LEU B 139 -8.48 2.54 -45.14
CA LEU B 139 -9.72 3.28 -45.14
C LEU B 139 -10.86 2.42 -44.65
N SER B 140 -10.87 1.18 -45.12
CA SER B 140 -11.97 0.28 -44.71
C SER B 140 -11.98 0.06 -43.18
N ALA B 141 -10.76 -0.14 -42.63
CA ALA B 141 -10.60 -0.29 -41.18
C ALA B 141 -11.17 0.95 -40.46
N ALA B 142 -10.76 2.15 -40.88
CA ALA B 142 -11.29 3.34 -40.22
C ALA B 142 -12.82 3.43 -40.32
N GLU B 143 -13.37 3.00 -41.45
CA GLU B 143 -14.82 3.06 -41.56
C GLU B 143 -15.50 2.11 -40.62
N LYS B 144 -15.00 0.87 -40.54
CA LYS B 144 -15.60 -0.10 -39.61
C LYS B 144 -15.44 0.38 -38.18
N ALA B 145 -14.40 1.20 -37.94
CA ALA B 145 -14.18 1.70 -36.58
C ALA B 145 -15.25 2.73 -36.24
N GLY B 146 -15.98 3.19 -37.26
CA GLY B 146 -17.03 4.16 -37.04
C GLY B 146 -16.68 5.55 -37.54
N MET B 147 -15.49 5.70 -38.14
CA MET B 147 -15.01 6.97 -38.67
C MET B 147 -15.59 7.30 -40.03
N ALA B 148 -16.17 8.48 -40.17
CA ALA B 148 -16.75 8.91 -41.46
C ALA B 148 -15.71 8.90 -42.58
N THR B 149 -16.10 8.39 -43.76
CA THR B 149 -15.21 8.27 -44.94
C THR B 149 -14.47 9.55 -45.35
N ALA B 150 -15.16 10.69 -45.25
CA ALA B 150 -14.50 11.94 -45.60
C ALA B 150 -13.35 12.20 -44.60
N GLN B 151 -13.66 12.13 -43.29
CA GLN B 151 -12.66 12.34 -42.23
C GLN B 151 -11.51 11.36 -42.41
N ALA B 152 -11.84 10.07 -42.59
CA ALA B 152 -10.81 9.03 -42.78
C ALA B 152 -9.92 9.33 -43.97
N GLN B 153 -10.53 9.74 -45.08
CA GLN B 153 -9.74 10.09 -46.28
C GLN B 153 -8.85 11.29 -46.01
N HIS B 154 -9.44 12.30 -45.36
CA HIS B 154 -8.69 13.49 -44.99
C HIS B 154 -7.39 13.10 -44.23
N LEU B 155 -7.53 12.26 -43.19
CA LEU B 155 -6.37 11.80 -42.41
C LEU B 155 -5.42 10.98 -43.27
N LEU B 156 -5.98 10.14 -44.11
CA LEU B 156 -5.11 9.34 -44.98
C LEU B 156 -4.26 10.26 -45.84
N ASN B 157 -4.81 11.41 -46.26
CA ASN B 157 -4.02 12.30 -47.11
C ASN B 157 -2.87 12.96 -46.40
N LYS B 158 -2.83 12.87 -45.09
CA LYS B 158 -1.74 13.50 -44.37
C LYS B 158 -0.63 12.54 -44.04
N ILE B 159 -0.85 11.24 -44.18
CA ILE B 159 0.23 10.32 -43.80
C ILE B 159 1.55 10.53 -44.51
N SER B 160 1.57 11.37 -45.54
CA SER B 160 2.79 11.66 -46.34
C SER B 160 3.47 12.95 -45.83
N THR B 161 2.67 13.77 -45.11
CA THR B 161 3.09 15.02 -44.48
C THR B 161 4.37 14.86 -43.66
N GLU B 162 5.01 15.96 -43.35
CA GLU B 162 6.19 15.89 -42.52
C GLU B 162 5.75 15.82 -41.04
N LEU B 163 4.68 16.53 -40.70
CA LEU B 163 4.21 16.52 -39.33
C LEU B 163 3.99 15.11 -38.89
N VAL B 164 3.15 14.37 -39.62
CA VAL B 164 2.86 12.98 -39.30
C VAL B 164 4.11 12.08 -39.30
N LYS B 165 4.86 12.13 -40.39
CA LYS B 165 6.04 11.29 -40.51
C LYS B 165 6.98 11.47 -39.33
N SER B 166 7.26 12.70 -38.91
CA SER B 166 8.21 12.85 -37.82
C SER B 166 7.57 12.53 -36.45
N LYS B 167 6.27 12.71 -36.35
CA LYS B 167 5.56 12.38 -35.12
C LYS B 167 5.75 10.87 -34.88
N LEU B 168 5.70 10.06 -35.95
CA LEU B 168 5.85 8.61 -35.81
C LEU B 168 7.26 8.33 -35.42
N ARG B 169 8.21 8.94 -36.09
CA ARG B 169 9.63 8.76 -35.71
C ARG B 169 9.89 9.22 -34.23
N GLU B 170 9.29 10.32 -33.81
CA GLU B 170 9.50 10.82 -32.46
C GLU B 170 8.92 9.83 -31.45
N THR B 171 7.69 9.39 -31.71
CA THR B 171 7.07 8.46 -30.82
C THR B 171 7.82 7.15 -30.71
N THR B 172 8.37 6.66 -31.81
CA THR B 172 9.07 5.38 -31.67
C THR B 172 10.46 5.62 -31.05
N GLY B 173 10.94 6.84 -31.16
CA GLY B 173 12.23 7.15 -30.57
C GLY B 173 12.03 7.26 -29.05
N ALA B 174 10.91 7.84 -28.61
CA ALA B 174 10.67 7.95 -27.18
C ALA B 174 10.69 6.53 -26.61
N ALA B 175 10.13 5.55 -27.31
CA ALA B 175 10.16 4.19 -26.76
C ALA B 175 11.62 3.79 -26.54
N CYS B 176 12.46 3.89 -27.58
CA CYS B 176 13.90 3.55 -27.42
C CYS B 176 14.55 4.34 -26.29
N LYS B 177 14.25 5.63 -26.15
CA LYS B 177 14.86 6.34 -25.02
C LYS B 177 14.43 5.72 -23.68
N TYR B 178 13.29 5.05 -23.64
CA TYR B 178 12.92 4.44 -22.36
C TYR B 178 13.62 3.11 -22.20
N GLY B 179 14.26 2.64 -23.25
CA GLY B 179 14.94 1.37 -23.16
C GLY B 179 14.23 0.28 -23.98
N ALA B 180 13.19 0.64 -24.71
CA ALA B 180 12.50 -0.39 -25.46
C ALA B 180 13.45 -1.14 -26.40
N PHE B 181 13.23 -2.46 -26.55
CA PHE B 181 13.99 -3.28 -27.47
C PHE B 181 13.00 -4.10 -28.32
N GLY B 182 11.70 -4.02 -28.02
CA GLY B 182 10.73 -4.74 -28.82
C GLY B 182 9.36 -4.15 -28.53
N LEU B 183 8.29 -4.80 -28.97
CA LEU B 183 6.91 -4.32 -28.69
C LEU B 183 6.04 -5.53 -28.35
N PRO B 184 4.99 -5.34 -27.53
CA PRO B 184 4.61 -4.06 -26.90
C PRO B 184 5.55 -3.67 -25.75
N THR B 185 5.72 -2.33 -25.55
CA THR B 185 6.47 -1.80 -24.41
C THR B 185 5.47 -0.88 -23.76
N THR B 186 5.29 -1.02 -22.45
CA THR B 186 4.38 -0.19 -21.63
C THR B 186 5.27 0.56 -20.64
N VAL B 187 5.05 1.88 -20.52
CA VAL B 187 5.83 2.68 -19.56
C VAL B 187 4.81 3.19 -18.53
N ALA B 188 5.02 2.85 -17.26
CA ALA B 188 4.12 3.26 -16.20
C ALA B 188 4.77 4.35 -15.39
N HIS B 189 4.05 5.44 -15.13
CA HIS B 189 4.55 6.56 -14.29
C HIS B 189 3.73 6.50 -12.97
N VAL B 190 4.35 6.09 -11.88
CA VAL B 190 3.69 5.95 -10.58
C VAL B 190 4.56 6.67 -9.56
N ASP B 191 3.93 7.45 -8.72
CA ASP B 191 4.65 8.22 -7.70
C ASP B 191 6.06 8.70 -8.08
N GLY B 192 6.22 9.43 -9.18
CA GLY B 192 7.58 9.87 -9.45
C GLY B 192 8.52 8.83 -10.01
N LYS B 193 8.14 7.55 -10.04
CA LYS B 193 8.99 6.50 -10.61
C LYS B 193 8.56 6.14 -12.04
N THR B 194 9.43 5.50 -12.80
CA THR B 194 9.06 5.14 -14.15
C THR B 194 9.42 3.71 -14.41
N TYR B 195 8.45 2.87 -14.77
CA TYR B 195 8.73 1.47 -15.09
C TYR B 195 8.56 1.21 -16.57
N MET B 196 9.44 0.42 -17.16
CA MET B 196 9.30 0.08 -18.57
C MET B 196 9.17 -1.42 -18.56
N LEU B 197 8.03 -1.91 -19.05
CA LEU B 197 7.72 -3.35 -19.07
C LEU B 197 7.54 -3.79 -20.48
N PHE B 198 8.16 -4.89 -20.83
CA PHE B 198 8.06 -5.39 -22.16
C PHE B 198 7.12 -6.59 -22.16
N GLY B 199 6.30 -6.67 -23.21
CA GLY B 199 5.41 -7.82 -23.37
C GLY B 199 3.96 -7.75 -22.94
N SER B 200 3.18 -8.70 -23.41
CA SER B 200 1.80 -8.73 -23.00
C SER B 200 1.72 -9.65 -21.74
N ASP B 201 2.87 -10.16 -21.28
CA ASP B 201 2.83 -10.99 -20.07
C ASP B 201 3.45 -10.30 -18.84
N ARG B 202 3.40 -8.98 -18.82
CA ARG B 202 3.88 -8.25 -17.65
C ARG B 202 2.71 -7.43 -17.00
N MET B 203 1.47 -7.63 -17.44
CA MET B 203 0.37 -6.87 -16.87
C MET B 203 0.12 -7.26 -15.43
N GLU B 204 0.37 -8.52 -15.10
CA GLU B 204 0.22 -8.94 -13.71
C GLU B 204 1.32 -8.24 -12.84
N LEU B 205 2.54 -8.02 -13.38
CA LEU B 205 3.57 -7.30 -12.57
C LEU B 205 3.17 -5.80 -12.54
N LEU B 206 2.65 -5.30 -13.65
CA LEU B 206 2.24 -3.90 -13.68
C LEU B 206 1.19 -3.63 -12.63
N ALA B 207 0.32 -4.58 -12.39
CA ALA B 207 -0.72 -4.40 -11.40
C ALA B 207 -0.11 -4.29 -10.01
N TYR B 208 0.92 -5.09 -9.77
CA TYR B 208 1.56 -5.11 -8.46
C TYR B 208 2.27 -3.77 -8.27
N LEU B 209 3.01 -3.33 -9.28
CA LEU B 209 3.69 -2.07 -9.15
C LEU B 209 2.68 -0.92 -8.91
N LEU B 210 1.47 -1.03 -9.48
CA LEU B 210 0.46 0.06 -9.37
C LEU B 210 -0.34 -0.02 -8.10
N GLY B 211 -0.28 -1.15 -7.41
CA GLY B 211 -1.10 -1.29 -6.23
C GLY B 211 -2.50 -1.75 -6.62
N GLU B 212 -2.72 -2.12 -7.88
CA GLU B 212 -3.99 -2.59 -8.35
C GLU B 212 -4.14 -4.10 -8.27
N LYS B 213 -5.38 -4.56 -8.43
CA LYS B 213 -5.78 -5.97 -8.35
C LYS B 213 -5.81 -6.63 -9.72
N TRP B 214 -5.13 -7.77 -9.84
CA TRP B 214 -5.07 -8.52 -11.08
C TRP B 214 -6.18 -9.56 -11.17
N MET B 215 -6.89 -9.50 -12.27
CA MET B 215 -7.97 -10.43 -12.40
C MET B 215 -7.95 -11.11 -13.72
N GLY B 216 -6.76 -11.40 -14.22
CA GLY B 216 -6.63 -12.10 -15.48
C GLY B 216 -6.70 -11.17 -16.66
N PRO B 217 -6.43 -11.68 -17.85
CA PRO B 217 -6.45 -10.85 -19.06
C PRO B 217 -7.86 -10.38 -19.43
N VAL B 218 -8.87 -10.99 -18.81
CA VAL B 218 -10.27 -10.65 -19.11
C VAL B 218 -11.02 -10.40 -17.80
N PRO B 219 -10.70 -9.27 -17.16
CA PRO B 219 -11.30 -8.86 -15.90
C PRO B 219 -12.79 -8.69 -16.02
N PRO B 220 -13.49 -8.81 -14.87
CA PRO B 220 -14.95 -8.69 -14.78
C PRO B 220 -15.35 -7.23 -14.99
N THR B 221 -15.87 -6.96 -16.18
CA THR B 221 -16.31 -5.60 -16.52
C THR B 221 -17.31 -4.99 -15.52
N LEU B 222 -17.88 -5.82 -14.65
CA LEU B 222 -18.84 -5.34 -13.65
C LEU B 222 -18.05 -4.76 -12.42
N GLY C 2 -41.89 11.15 18.78
CA GLY C 2 -40.47 10.53 18.90
C GLY C 2 -40.04 10.47 20.37
N PRO C 3 -38.90 9.86 20.67
CA PRO C 3 -38.43 9.78 22.07
C PRO C 3 -37.95 11.09 22.74
N ALA C 4 -37.67 11.00 24.04
CA ALA C 4 -37.24 12.12 24.88
C ALA C 4 -35.75 12.44 24.59
N PRO C 5 -35.41 13.74 24.55
CA PRO C 5 -34.02 14.07 24.26
C PRO C 5 -33.06 13.51 25.27
N ARG C 6 -31.85 13.14 24.81
CA ARG C 6 -30.83 12.64 25.71
C ARG C 6 -30.08 13.84 26.38
N VAL C 7 -29.85 13.71 27.66
CA VAL C 7 -29.19 14.75 28.41
C VAL C 7 -27.68 14.60 28.23
N LEU C 8 -27.02 15.68 27.86
CA LEU C 8 -25.57 15.75 27.69
C LEU C 8 -25.13 16.76 28.72
N GLU C 9 -24.24 16.36 29.59
CA GLU C 9 -23.72 17.27 30.59
C GLU C 9 -22.31 17.68 30.17
N LEU C 10 -22.05 18.96 29.93
CA LEU C 10 -20.71 19.38 29.53
C LEU C 10 -20.01 20.08 30.65
N PHE C 11 -18.95 19.46 31.19
CA PHE C 11 -18.16 20.11 32.22
C PHE C 11 -17.00 20.80 31.48
N TYR C 12 -16.82 22.09 31.81
CA TYR C 12 -15.80 22.92 31.19
C TYR C 12 -15.23 23.95 32.17
N ASP C 13 -14.16 24.63 31.74
CA ASP C 13 -13.47 25.66 32.54
C ASP C 13 -13.00 26.58 31.43
N VAL C 14 -13.27 27.88 31.53
CA VAL C 14 -12.85 28.83 30.47
C VAL C 14 -11.34 28.93 30.34
N LEU C 15 -10.65 28.38 31.32
CA LEU C 15 -9.19 28.35 31.23
C LEU C 15 -8.73 27.46 30.07
N SER C 16 -9.57 26.46 29.78
CA SER C 16 -9.31 25.42 28.79
C SER C 16 -9.63 25.73 27.34
N PRO C 17 -8.63 25.65 26.44
CA PRO C 17 -8.93 25.95 25.02
C PRO C 17 -9.74 24.85 24.38
N TYR C 18 -9.49 23.63 24.78
CA TYR C 18 -10.22 22.55 24.18
C TYR C 18 -11.66 22.52 24.63
N SER C 19 -11.91 23.00 25.85
CA SER C 19 -13.25 23.04 26.38
C SER C 19 -14.04 24.00 25.54
N TRP C 20 -13.38 25.02 25.02
CA TRP C 20 -14.10 25.98 24.20
C TRP C 20 -14.57 25.36 22.89
N LEU C 21 -13.71 24.54 22.30
CA LEU C 21 -13.98 23.83 21.03
C LEU C 21 -15.12 22.79 21.26
N GLY C 22 -15.02 22.00 22.33
CA GLY C 22 -16.08 21.02 22.63
C GLY C 22 -17.44 21.72 22.89
N PHE C 23 -17.37 22.84 23.62
CA PHE C 23 -18.50 23.67 23.95
C PHE C 23 -19.15 24.22 22.69
N GLU C 24 -18.39 24.75 21.75
CA GLU C 24 -19.05 25.31 20.56
C GLU C 24 -19.72 24.19 19.73
N VAL C 25 -19.04 23.06 19.56
CA VAL C 25 -19.62 21.97 18.80
C VAL C 25 -21.00 21.58 19.40
N LEU C 26 -21.04 21.28 20.70
CA LEU C 26 -22.29 20.91 21.33
C LEU C 26 -23.37 21.99 21.25
N CYS C 27 -22.96 23.25 21.37
CA CYS C 27 -23.94 24.33 21.26
C CYS C 27 -24.52 24.31 19.84
N ARG C 28 -23.67 24.07 18.83
CA ARG C 28 -24.12 24.02 17.46
C ARG C 28 -24.98 22.76 17.18
N TYR C 29 -24.86 21.71 17.97
CA TYR C 29 -25.66 20.54 17.59
C TYR C 29 -26.97 20.43 18.39
N GLN C 30 -27.22 21.33 19.33
CA GLN C 30 -28.43 21.19 20.15
C GLN C 30 -29.74 21.44 19.35
N HIS C 31 -29.56 22.04 18.19
CA HIS C 31 -30.63 22.39 17.27
C HIS C 31 -30.78 21.33 16.20
N LEU C 32 -29.87 20.32 16.19
CA LEU C 32 -29.89 19.27 15.17
C LEU C 32 -29.99 17.85 15.72
N TRP C 33 -29.56 17.62 16.97
CA TRP C 33 -29.60 16.26 17.53
C TRP C 33 -30.70 16.18 18.56
N ASN C 34 -31.22 14.99 18.84
CA ASN C 34 -32.28 14.96 19.87
C ASN C 34 -31.61 14.99 21.23
N ILE C 35 -31.06 16.12 21.62
CA ILE C 35 -30.36 16.17 22.91
C ILE C 35 -30.84 17.34 23.73
N LYS C 36 -30.44 17.33 24.99
CA LYS C 36 -30.72 18.44 25.94
C LYS C 36 -29.36 18.80 26.54
N LEU C 37 -28.80 19.94 26.14
CA LEU C 37 -27.46 20.29 26.65
C LEU C 37 -27.40 20.95 28.02
N LYS C 38 -26.70 20.35 28.99
CA LYS C 38 -26.58 21.01 30.33
C LYS C 38 -25.13 21.44 30.61
N LEU C 39 -24.92 22.75 30.68
CA LEU C 39 -23.61 23.33 30.89
C LEU C 39 -23.27 23.29 32.34
N ARG C 40 -22.17 22.56 32.66
CA ARG C 40 -21.72 22.43 34.02
C ARG C 40 -20.42 23.17 34.28
N PRO C 41 -20.48 24.40 34.83
CA PRO C 41 -19.19 25.06 35.05
C PRO C 41 -18.36 24.28 36.07
N ALA C 42 -17.13 23.89 35.72
CA ALA C 42 -16.27 23.12 36.65
C ALA C 42 -14.87 23.80 36.73
N LEU C 43 -14.04 23.42 37.72
CA LEU C 43 -12.72 24.06 37.84
C LEU C 43 -11.70 23.02 37.40
N LEU C 44 -10.92 23.31 36.34
CA LEU C 44 -9.93 22.34 35.85
C LEU C 44 -8.95 21.85 36.92
N ALA C 45 -8.45 22.81 37.70
CA ALA C 45 -7.53 22.63 38.82
C ALA C 45 -8.19 21.66 39.79
N GLY C 46 -9.48 21.85 40.02
CA GLY C 46 -10.15 20.95 40.94
C GLY C 46 -10.15 19.50 40.45
N ILE C 47 -9.92 19.30 39.15
CA ILE C 47 -9.95 17.95 38.57
C ILE C 47 -8.56 17.31 38.54
N MET C 48 -7.60 17.97 37.89
CA MET C 48 -6.20 17.50 37.81
C MET C 48 -5.73 16.97 39.17
N LYS C 49 -5.85 17.81 40.21
CA LYS C 49 -5.46 17.45 41.57
C LYS C 49 -6.08 16.09 41.93
N ASP C 50 -7.42 16.01 41.92
CA ASP C 50 -8.15 14.75 42.28
C ASP C 50 -7.70 13.49 41.51
N SER C 51 -7.92 13.49 40.19
CA SER C 51 -7.58 12.36 39.31
C SER C 51 -6.14 11.85 39.43
N GLY C 52 -5.24 12.39 38.61
CA GLY C 52 -3.83 11.98 38.63
C GLY C 52 -2.86 13.12 38.42
N ASN C 53 -3.42 14.33 38.26
CA ASN C 53 -2.68 15.58 38.04
C ASN C 53 -1.85 15.45 36.73
N GLN C 54 -0.70 16.15 36.71
CA GLN C 54 0.24 16.14 35.57
C GLN C 54 -0.32 16.84 34.33
N PRO C 55 0.03 18.13 34.16
CA PRO C 55 -0.46 18.86 32.97
C PRO C 55 0.27 18.34 31.69
N PRO C 56 -0.33 18.55 30.52
CA PRO C 56 0.29 18.09 29.27
C PRO C 56 1.61 18.84 28.94
N ALA C 57 1.96 19.82 29.79
CA ALA C 57 3.20 20.63 29.64
C ALA C 57 4.45 19.87 30.17
N MET C 58 4.26 18.92 31.10
CA MET C 58 5.36 18.12 31.62
C MET C 58 6.02 17.32 30.49
N VAL C 59 5.47 17.42 29.28
CA VAL C 59 6.06 16.79 28.09
C VAL C 59 6.29 17.95 27.09
N PRO C 60 7.56 18.36 26.97
CA PRO C 60 7.89 19.48 26.05
C PRO C 60 7.28 19.35 24.64
N HIS C 61 7.32 18.15 24.07
CA HIS C 61 6.78 18.04 22.74
C HIS C 61 5.26 18.13 22.78
N LYS C 62 4.68 17.81 23.92
CA LYS C 62 3.23 17.88 24.07
C LYS C 62 2.80 19.32 24.09
N GLY C 63 3.42 20.11 24.97
CA GLY C 63 3.06 21.51 25.04
C GLY C 63 3.31 22.25 23.73
N GLN C 64 4.36 21.94 22.99
CA GLN C 64 4.61 22.66 21.68
C GLN C 64 3.55 22.16 20.71
N TYR C 65 3.20 20.89 20.81
CA TYR C 65 2.18 20.34 19.93
C TYR C 65 0.86 21.14 20.12
N ILE C 66 0.38 21.22 21.37
CA ILE C 66 -0.82 21.93 21.70
C ILE C 66 -0.87 23.36 21.11
N LEU C 67 0.21 24.13 21.27
CA LEU C 67 0.26 25.49 20.77
C LEU C 67 0.32 25.53 19.26
N LYS C 68 0.88 24.52 18.62
CA LYS C 68 0.87 24.57 17.17
C LYS C 68 -0.44 24.05 16.56
N GLU C 69 -1.12 23.16 17.30
CA GLU C 69 -2.39 22.52 16.92
C GLU C 69 -3.57 23.51 17.01
N ILE C 70 -3.57 24.29 18.09
CA ILE C 70 -4.67 25.20 18.32
C ILE C 70 -5.03 26.09 17.13
N PRO C 71 -4.01 26.68 16.46
CA PRO C 71 -4.26 27.57 15.30
C PRO C 71 -4.85 26.81 14.10
N LEU C 72 -4.69 25.47 14.05
CA LEU C 72 -5.26 24.73 12.94
C LEU C 72 -6.67 24.30 13.34
N LEU C 73 -6.84 23.93 14.60
CA LEU C 73 -8.17 23.49 15.09
C LEU C 73 -9.17 24.64 15.04
N LYS C 74 -8.68 25.81 15.43
CA LYS C 74 -9.52 27.00 15.43
C LYS C 74 -10.15 27.25 14.04
N GLN C 75 -9.40 26.92 12.99
CA GLN C 75 -9.88 27.09 11.62
C GLN C 75 -10.97 26.08 11.29
N LEU C 76 -10.71 24.82 11.63
CA LEU C 76 -11.67 23.74 11.38
C LEU C 76 -12.94 24.12 12.14
N PHE C 77 -12.80 24.33 13.47
CA PHE C 77 -13.94 24.63 14.33
C PHE C 77 -14.53 26.04 14.11
N GLN C 78 -13.76 26.94 13.47
CA GLN C 78 -14.22 28.30 13.25
C GLN C 78 -14.56 28.94 14.56
N VAL C 79 -13.58 28.96 15.47
CA VAL C 79 -13.71 29.59 16.79
C VAL C 79 -12.49 30.52 16.71
N PRO C 80 -12.70 31.85 16.88
CA PRO C 80 -11.67 32.90 16.81
C PRO C 80 -10.67 32.88 17.93
N MET C 81 -9.94 31.80 18.11
CA MET C 81 -8.98 31.80 19.22
C MET C 81 -7.51 32.02 18.86
N SER C 82 -6.71 32.25 19.90
CA SER C 82 -5.29 32.46 19.67
C SER C 82 -4.56 32.31 21.01
N VAL C 83 -3.35 31.79 20.89
CA VAL C 83 -2.55 31.51 22.06
C VAL C 83 -2.02 32.79 22.70
N PRO C 84 -2.21 32.89 24.01
CA PRO C 84 -1.76 34.06 24.79
C PRO C 84 -0.23 34.29 24.68
N LYS C 85 0.29 35.23 25.45
CA LYS C 85 1.72 35.50 25.41
C LYS C 85 2.40 34.45 26.27
N ASP C 86 1.89 34.25 27.46
CA ASP C 86 2.41 33.22 28.35
C ASP C 86 1.22 32.56 29.07
N PHE C 87 0.57 31.62 28.35
CA PHE C 87 -0.59 30.90 28.85
C PHE C 87 -0.28 29.99 30.04
N PHE C 88 0.69 29.09 29.86
CA PHE C 88 1.10 28.09 30.88
C PHE C 88 1.71 28.71 32.14
N GLY C 89 2.07 30.00 32.02
CA GLY C 89 2.64 30.77 33.12
C GLY C 89 1.58 31.58 33.84
N GLU C 90 1.43 32.86 33.46
CA GLU C 90 0.48 33.82 34.06
C GLU C 90 -1.01 33.37 34.15
N HIS C 91 -1.67 33.26 32.99
CA HIS C 91 -3.06 32.81 32.97
C HIS C 91 -3.28 31.51 33.79
N VAL C 92 -2.63 30.41 33.38
CA VAL C 92 -2.82 29.15 34.09
C VAL C 92 -2.49 29.28 35.59
N LYS C 93 -1.42 30.02 35.90
CA LYS C 93 -0.99 30.25 37.27
C LYS C 93 -1.93 31.20 38.00
N LYS C 94 -2.34 32.28 37.32
CA LYS C 94 -3.30 33.22 37.91
C LYS C 94 -4.58 32.46 38.29
N GLY C 95 -5.11 31.71 37.32
CA GLY C 95 -6.32 30.98 37.66
C GLY C 95 -7.56 31.54 36.97
N THR C 96 -8.69 30.89 37.28
CA THR C 96 -10.01 31.21 36.72
C THR C 96 -11.08 31.02 37.80
N VAL C 97 -10.65 30.87 39.05
CA VAL C 97 -11.60 30.64 40.14
C VAL C 97 -12.67 31.76 40.18
N ASN C 98 -12.27 32.99 39.94
CA ASN C 98 -13.26 34.00 40.02
C ASN C 98 -14.26 33.86 38.88
N ALA C 99 -13.75 33.56 37.68
CA ALA C 99 -14.54 33.40 36.47
C ALA C 99 -15.48 32.21 36.57
N MET C 100 -14.98 31.10 37.10
CA MET C 100 -15.78 29.90 37.24
C MET C 100 -16.83 30.00 38.34
N ARG C 101 -16.61 30.88 39.32
CA ARG C 101 -17.60 31.06 40.41
C ARG C 101 -18.69 31.97 39.88
N PHE C 102 -18.29 32.98 39.14
CA PHE C 102 -19.29 33.87 38.55
C PHE C 102 -20.19 33.02 37.60
N LEU C 103 -19.57 32.19 36.76
CA LEU C 103 -20.31 31.32 35.85
C LEU C 103 -21.16 30.40 36.69
N THR C 104 -20.68 29.99 37.84
CA THR C 104 -21.56 29.15 38.67
C THR C 104 -22.83 29.92 39.10
N ALA C 105 -22.63 31.18 39.54
CA ALA C 105 -23.74 32.01 40.03
C ALA C 105 -24.67 32.21 38.87
N VAL C 106 -24.11 32.46 37.69
CA VAL C 106 -24.95 32.63 36.51
C VAL C 106 -25.83 31.42 36.25
N SER C 107 -25.30 30.23 36.47
CA SER C 107 -26.09 29.00 36.21
C SER C 107 -27.23 28.90 37.24
N MET C 108 -26.95 29.39 38.44
CA MET C 108 -27.95 29.38 39.49
C MET C 108 -29.08 30.39 39.32
N GLU C 109 -28.80 31.60 38.84
CA GLU C 109 -29.88 32.56 38.69
C GLU C 109 -30.24 33.00 37.28
N GLN C 110 -29.27 33.01 36.36
CA GLN C 110 -29.54 33.42 34.97
C GLN C 110 -29.12 32.30 34.00
N PRO C 111 -29.61 31.08 34.24
CA PRO C 111 -29.23 29.97 33.36
C PRO C 111 -29.30 30.33 31.89
N GLU C 112 -30.31 31.08 31.46
CA GLU C 112 -30.34 31.40 30.04
C GLU C 112 -29.17 32.18 29.54
N MET C 113 -28.40 32.78 30.45
CA MET C 113 -27.23 33.58 30.03
C MET C 113 -25.89 32.76 30.09
N LEU C 114 -25.91 31.56 30.68
CA LEU C 114 -24.70 30.71 30.74
C LEU C 114 -23.89 30.62 29.44
N GLU C 115 -24.56 30.22 28.36
CA GLU C 115 -23.87 30.02 27.12
C GLU C 115 -23.16 31.32 26.76
N LYS C 116 -23.93 32.39 26.53
CA LYS C 116 -23.25 33.61 26.16
C LYS C 116 -22.19 34.14 27.13
N VAL C 117 -22.41 34.05 28.43
CA VAL C 117 -21.39 34.59 29.29
C VAL C 117 -20.11 33.74 29.13
N SER C 118 -20.26 32.41 29.19
CA SER C 118 -19.10 31.53 28.98
C SER C 118 -18.40 31.93 27.68
N ARG C 119 -19.15 32.08 26.60
CA ARG C 119 -18.49 32.44 25.34
C ARG C 119 -17.75 33.77 25.49
N GLU C 120 -18.28 34.71 26.26
CA GLU C 120 -17.58 36.01 26.36
C GLU C 120 -16.25 35.93 27.16
N LEU C 121 -16.25 35.17 28.25
CA LEU C 121 -15.06 34.99 29.04
C LEU C 121 -13.97 34.34 28.18
N TRP C 122 -14.33 33.36 27.33
CA TRP C 122 -13.31 32.70 26.49
C TRP C 122 -12.81 33.73 25.50
N MET C 123 -13.68 34.61 25.06
CA MET C 123 -13.23 35.60 24.09
C MET C 123 -12.11 36.43 24.69
N ARG C 124 -12.15 36.63 26.00
CA ARG C 124 -11.16 37.47 26.66
C ARG C 124 -9.86 36.67 26.77
N ILE C 125 -9.85 35.68 27.66
CA ILE C 125 -8.65 34.93 27.81
C ILE C 125 -8.12 34.21 26.54
N TRP C 126 -9.00 33.56 25.78
CA TRP C 126 -8.49 32.80 24.67
C TRP C 126 -8.59 33.35 23.28
N SER C 127 -9.09 34.57 23.18
CA SER C 127 -9.19 35.19 21.86
C SER C 127 -8.39 36.51 21.76
N ARG C 128 -8.44 37.32 22.84
CA ARG C 128 -7.82 38.64 22.92
C ARG C 128 -6.74 38.69 23.99
N ASP C 129 -6.43 37.54 24.58
CA ASP C 129 -5.40 37.46 25.60
C ASP C 129 -5.58 38.54 26.71
N GLU C 130 -6.83 38.86 27.06
CA GLU C 130 -7.10 39.84 28.14
C GLU C 130 -7.28 39.07 29.44
N ASP C 131 -7.26 39.78 30.57
CA ASP C 131 -7.42 39.13 31.89
C ASP C 131 -8.90 38.82 32.22
N ILE C 132 -9.11 37.81 33.06
CA ILE C 132 -10.45 37.44 33.48
C ILE C 132 -10.41 37.04 34.94
N THR C 133 -9.67 37.83 35.71
CA THR C 133 -9.56 37.53 37.12
C THR C 133 -10.11 38.68 37.97
N GLU C 134 -9.99 39.88 37.43
CA GLU C 134 -10.46 41.08 38.09
C GLU C 134 -11.95 41.36 37.83
N SER C 135 -12.68 41.59 38.91
CA SER C 135 -14.08 41.87 38.79
C SER C 135 -14.50 42.66 37.56
N GLN C 136 -14.02 43.87 37.43
CA GLN C 136 -14.45 44.72 36.31
C GLN C 136 -14.29 44.05 34.95
N ASN C 137 -13.37 43.11 34.89
CA ASN C 137 -13.11 42.40 33.64
C ASN C 137 -14.16 41.32 33.39
N ILE C 138 -14.48 40.59 34.47
CA ILE C 138 -15.49 39.55 34.44
C ILE C 138 -16.80 40.29 34.08
N LEU C 139 -17.06 41.40 34.79
CA LEU C 139 -18.23 42.20 34.57
C LEU C 139 -18.27 42.67 33.08
N SER C 140 -17.13 43.05 32.54
CA SER C 140 -17.14 43.47 31.15
C SER C 140 -17.56 42.30 30.26
N ALA C 141 -17.16 41.06 30.62
CA ALA C 141 -17.57 39.92 29.80
C ALA C 141 -19.10 39.72 29.92
N ALA C 142 -19.63 39.76 31.13
CA ALA C 142 -21.07 39.58 31.27
C ALA C 142 -21.85 40.65 30.47
N GLU C 143 -21.41 41.90 30.51
CA GLU C 143 -22.11 42.93 29.78
C GLU C 143 -22.07 42.72 28.27
N LYS C 144 -20.93 42.35 27.71
CA LYS C 144 -20.87 42.13 26.27
C LYS C 144 -21.77 40.99 25.92
N ALA C 145 -21.95 40.05 26.87
CA ALA C 145 -22.80 38.90 26.59
C ALA C 145 -24.25 39.27 26.62
N GLY C 146 -24.53 40.54 26.94
CA GLY C 146 -25.91 41.01 26.99
C GLY C 146 -26.55 41.08 28.36
N MET C 147 -25.80 40.83 29.41
CA MET C 147 -26.35 40.89 30.75
C MET C 147 -26.30 42.36 31.26
N ALA C 148 -27.37 42.82 31.92
CA ALA C 148 -27.44 44.19 32.44
C ALA C 148 -26.46 44.36 33.58
N THR C 149 -25.83 45.54 33.64
CA THR C 149 -24.82 45.85 34.64
C THR C 149 -25.20 45.50 36.06
N ALA C 150 -26.37 45.96 36.49
CA ALA C 150 -26.83 45.71 37.86
C ALA C 150 -26.95 44.20 38.11
N GLN C 151 -27.51 43.47 37.15
CA GLN C 151 -27.64 42.02 37.30
C GLN C 151 -26.25 41.34 37.37
N ALA C 152 -25.34 41.76 36.50
CA ALA C 152 -23.97 41.21 36.53
C ALA C 152 -23.30 41.50 37.89
N GLN C 153 -23.40 42.75 38.31
CA GLN C 153 -22.78 43.16 39.55
C GLN C 153 -23.40 42.37 40.69
N HIS C 154 -24.70 42.14 40.62
CA HIS C 154 -25.42 41.41 41.66
C HIS C 154 -24.94 39.97 41.82
N LEU C 155 -24.60 39.31 40.70
CA LEU C 155 -24.10 37.93 40.78
C LEU C 155 -22.62 37.94 41.20
N LEU C 156 -21.87 38.94 40.76
CA LEU C 156 -20.46 39.02 41.11
C LEU C 156 -20.31 39.11 42.60
N ASN C 157 -21.18 39.92 43.21
CA ASN C 157 -21.07 40.07 44.65
C ASN C 157 -21.24 38.72 45.37
N LYS C 158 -21.95 37.79 44.75
CA LYS C 158 -22.21 36.47 45.34
C LYS C 158 -21.12 35.39 45.19
N ILE C 159 -20.13 35.62 44.31
CA ILE C 159 -19.09 34.60 44.12
C ILE C 159 -18.30 34.30 45.42
N SER C 160 -18.43 35.15 46.42
CA SER C 160 -17.70 34.92 47.69
C SER C 160 -18.61 34.12 48.62
N THR C 161 -19.90 34.09 48.27
CA THR C 161 -20.91 33.37 49.04
C THR C 161 -20.48 31.90 49.25
N GLU C 162 -21.12 31.22 50.21
CA GLU C 162 -20.86 29.80 50.50
C GLU C 162 -21.67 28.99 49.50
N LEU C 163 -22.91 29.41 49.24
CA LEU C 163 -23.77 28.74 48.27
C LEU C 163 -23.10 28.55 46.89
N VAL C 164 -22.39 29.59 46.43
CA VAL C 164 -21.73 29.59 45.12
C VAL C 164 -20.41 28.83 45.19
N LYS C 165 -19.63 29.14 46.22
CA LYS C 165 -18.37 28.46 46.41
C LYS C 165 -18.58 26.96 46.53
N SER C 166 -19.61 26.52 47.23
CA SER C 166 -19.79 25.09 47.35
C SER C 166 -20.40 24.49 46.10
N LYS C 167 -21.29 25.23 45.45
CA LYS C 167 -21.88 24.73 44.23
C LYS C 167 -20.73 24.43 43.25
N LEU C 168 -19.76 25.35 43.13
CA LEU C 168 -18.64 25.09 42.20
C LEU C 168 -17.98 23.80 42.58
N ARG C 169 -17.61 23.66 43.85
CA ARG C 169 -16.93 22.43 44.32
C ARG C 169 -17.79 21.17 44.06
N GLU C 170 -19.12 21.31 44.16
CA GLU C 170 -20.04 20.18 43.96
C GLU C 170 -19.96 19.75 42.48
N THR C 171 -20.24 20.71 41.60
CA THR C 171 -20.21 20.49 40.17
C THR C 171 -18.91 19.86 39.67
N THR C 172 -17.76 20.32 40.17
CA THR C 172 -16.53 19.72 39.66
C THR C 172 -16.30 18.39 40.30
N GLY C 173 -17.00 18.16 41.41
CA GLY C 173 -16.86 16.89 42.13
C GLY C 173 -17.68 15.86 41.42
N ALA C 174 -18.81 16.31 40.89
CA ALA C 174 -19.69 15.45 40.13
C ALA C 174 -18.92 14.97 38.88
N ALA C 175 -18.04 15.80 38.32
CA ALA C 175 -17.29 15.34 37.15
C ALA C 175 -16.29 14.26 37.55
N CYS C 176 -15.64 14.41 38.71
CA CYS C 176 -14.70 13.36 39.14
C CYS C 176 -15.49 12.06 39.40
N LYS C 177 -16.63 12.15 40.09
CA LYS C 177 -17.37 10.93 40.35
C LYS C 177 -17.73 10.23 39.06
N TYR C 178 -17.71 10.97 37.96
CA TYR C 178 -18.00 10.33 36.69
C TYR C 178 -16.72 9.75 36.11
N GLY C 179 -15.58 10.05 36.74
CA GLY C 179 -14.31 9.51 36.26
C GLY C 179 -13.52 10.53 35.47
N ALA C 180 -13.86 11.82 35.59
CA ALA C 180 -13.16 12.83 34.81
C ALA C 180 -11.75 12.94 35.28
N PHE C 181 -10.85 13.25 34.34
CA PHE C 181 -9.44 13.45 34.65
C PHE C 181 -8.88 14.71 33.97
N GLY C 182 -9.73 15.44 33.26
CA GLY C 182 -9.26 16.67 32.63
C GLY C 182 -10.53 17.30 32.10
N LEU C 183 -10.38 18.28 31.21
CA LEU C 183 -11.55 18.92 30.62
C LEU C 183 -11.25 19.23 29.16
N PRO C 184 -12.27 19.27 28.30
CA PRO C 184 -13.69 19.07 28.62
C PRO C 184 -14.06 17.60 28.87
N THR C 185 -15.02 17.39 29.76
CA THR C 185 -15.54 16.07 29.99
C THR C 185 -17.06 16.18 29.75
N THR C 186 -17.57 15.39 28.81
CA THR C 186 -18.98 15.36 28.46
C THR C 186 -19.57 14.04 28.97
N VAL C 187 -20.70 14.11 29.68
CA VAL C 187 -21.32 12.89 30.18
C VAL C 187 -22.65 12.79 29.47
N ALA C 188 -22.91 11.66 28.80
CA ALA C 188 -24.14 11.48 28.05
C ALA C 188 -25.00 10.42 28.64
N HIS C 189 -26.26 10.76 28.90
CA HIS C 189 -27.20 9.75 29.45
C HIS C 189 -28.04 9.25 28.28
N VAL C 190 -27.85 7.98 27.89
CA VAL C 190 -28.58 7.39 26.75
C VAL C 190 -29.28 6.08 27.17
N ASP C 191 -30.63 6.04 27.02
CA ASP C 191 -31.43 4.85 27.38
C ASP C 191 -30.89 4.16 28.64
N GLY C 192 -30.84 4.90 29.74
CA GLY C 192 -30.35 4.29 30.98
C GLY C 192 -28.85 4.08 31.07
N LYS C 193 -28.13 4.31 29.98
CA LYS C 193 -26.66 4.16 30.01
C LYS C 193 -25.99 5.52 30.18
N THR C 194 -24.78 5.51 30.74
CA THR C 194 -24.04 6.74 30.96
C THR C 194 -22.68 6.65 30.30
N TYR C 195 -22.33 7.55 29.40
CA TYR C 195 -21.00 7.48 28.84
C TYR C 195 -20.25 8.73 29.26
N MET C 196 -18.94 8.61 29.47
CA MET C 196 -18.15 9.76 29.87
C MET C 196 -17.10 9.87 28.77
N LEU C 197 -17.07 10.99 28.07
CA LEU C 197 -16.14 11.21 26.94
C LEU C 197 -15.23 12.35 27.24
N PHE C 198 -13.94 12.13 27.07
CA PHE C 198 -12.98 13.20 27.33
C PHE C 198 -12.54 13.91 26.05
N GLY C 199 -12.48 15.25 26.04
CA GLY C 199 -12.00 15.95 24.85
C GLY C 199 -13.01 16.56 23.90
N SER C 200 -12.50 17.37 22.98
CA SER C 200 -13.31 18.03 21.96
C SER C 200 -13.26 17.22 20.67
N ASP C 201 -12.50 16.14 20.70
CA ASP C 201 -12.42 15.29 19.51
C ASP C 201 -13.18 13.99 19.73
N ARG C 202 -14.22 14.02 20.58
CA ARG C 202 -15.01 12.80 20.80
C ARG C 202 -16.49 13.02 20.37
N MET C 203 -16.76 14.19 19.76
CA MET C 203 -18.11 14.50 19.30
C MET C 203 -18.55 13.52 18.22
N GLU C 204 -17.62 12.99 17.43
CA GLU C 204 -17.99 12.02 16.40
C GLU C 204 -18.34 10.65 17.05
N LEU C 205 -17.66 10.30 18.13
CA LEU C 205 -17.96 9.05 18.83
C LEU C 205 -19.31 9.31 19.50
N LEU C 206 -19.48 10.47 20.15
CA LEU C 206 -20.77 10.76 20.79
C LEU C 206 -21.94 10.61 19.76
N ALA C 207 -21.75 11.10 18.53
CA ALA C 207 -22.82 11.01 17.58
C ALA C 207 -23.17 9.59 17.35
N TYR C 208 -22.17 8.74 17.30
CA TYR C 208 -22.41 7.32 17.06
C TYR C 208 -23.16 6.72 18.22
N LEU C 209 -22.74 7.02 19.47
CA LEU C 209 -23.50 6.49 20.65
C LEU C 209 -24.95 6.99 20.66
N LEU C 210 -25.17 8.22 20.23
CA LEU C 210 -26.52 8.83 20.22
C LEU C 210 -27.38 8.43 19.00
N GLY C 211 -26.79 7.69 18.07
CA GLY C 211 -27.56 7.31 16.92
C GLY C 211 -27.75 8.52 16.06
N GLU C 212 -26.94 9.58 16.26
CA GLU C 212 -27.11 10.79 15.46
C GLU C 212 -26.09 10.89 14.36
N LYS C 213 -26.32 11.82 13.44
CA LYS C 213 -25.47 12.05 12.32
C LYS C 213 -24.42 13.10 12.64
N TRP C 214 -23.17 12.74 12.41
CA TRP C 214 -22.05 13.65 12.60
C TRP C 214 -21.82 14.40 11.30
N MET C 215 -21.76 15.73 11.39
CA MET C 215 -21.53 16.54 10.17
C MET C 215 -20.37 17.55 10.27
N GLY C 216 -19.38 17.24 11.10
CA GLY C 216 -18.27 18.14 11.22
C GLY C 216 -18.45 19.08 12.41
N PRO C 217 -17.36 19.78 12.81
CA PRO C 217 -17.50 20.68 13.95
C PRO C 217 -18.37 21.92 13.65
N VAL C 218 -18.66 22.15 12.38
CA VAL C 218 -19.48 23.31 11.97
C VAL C 218 -20.60 22.74 11.06
N PRO C 219 -21.58 22.10 11.69
CA PRO C 219 -22.68 21.50 10.96
C PRO C 219 -23.42 22.55 10.22
N PRO C 220 -23.94 22.20 9.06
CA PRO C 220 -24.71 23.22 8.33
C PRO C 220 -25.83 23.77 9.27
N THR C 221 -25.81 25.09 9.50
CA THR C 221 -26.76 25.80 10.35
C THR C 221 -28.12 25.86 9.63
N LEU C 222 -29.19 26.15 10.37
CA LEU C 222 -30.52 26.17 9.75
C LEU C 222 -30.92 24.74 9.29
N GLY D 2 -4.15 17.02 -11.91
CA GLY D 2 -3.84 18.24 -11.08
C GLY D 2 -2.55 18.02 -10.25
N PRO D 3 -2.49 18.60 -9.03
CA PRO D 3 -1.30 18.44 -8.19
C PRO D 3 -0.94 17.02 -7.85
N ALA D 4 0.31 16.86 -7.50
CA ALA D 4 0.83 15.55 -7.12
C ALA D 4 0.17 15.13 -5.78
N PRO D 5 0.00 13.84 -5.57
CA PRO D 5 -0.63 13.43 -4.30
C PRO D 5 0.24 13.82 -3.11
N ARG D 6 -0.39 14.19 -2.01
CA ARG D 6 0.34 14.61 -0.83
C ARG D 6 0.83 13.37 -0.07
N VAL D 7 2.10 13.41 0.35
CA VAL D 7 2.72 12.29 1.04
C VAL D 7 2.31 12.37 2.50
N LEU D 8 1.86 11.24 3.04
CA LEU D 8 1.44 11.13 4.42
C LEU D 8 2.35 10.06 5.05
N GLU D 9 3.09 10.46 6.06
CA GLU D 9 3.96 9.50 6.71
C GLU D 9 3.30 8.99 7.99
N LEU D 10 2.86 7.73 8.06
CA LEU D 10 2.28 7.25 9.31
C LEU D 10 3.31 6.45 10.09
N PHE D 11 3.65 6.96 11.29
CA PHE D 11 4.60 6.32 12.23
C PHE D 11 3.72 5.55 13.23
N TYR D 12 4.03 4.27 13.42
CA TYR D 12 3.21 3.42 14.25
C TYR D 12 3.97 2.24 14.90
N ASP D 13 3.32 1.56 15.85
CA ASP D 13 3.88 0.41 16.52
C ASP D 13 2.65 -0.50 16.74
N VAL D 14 2.77 -1.79 16.41
CA VAL D 14 1.67 -2.70 16.60
C VAL D 14 1.31 -2.87 18.08
N LEU D 15 2.21 -2.43 18.95
CA LEU D 15 1.94 -2.44 20.39
C LEU D 15 0.74 -1.54 20.67
N SER D 16 0.63 -0.44 19.88
CA SER D 16 -0.39 0.64 20.01
C SER D 16 -1.84 0.45 19.50
N PRO D 17 -2.84 0.47 20.41
CA PRO D 17 -4.20 0.28 19.90
C PRO D 17 -4.67 1.45 19.04
N TYR D 18 -4.39 2.64 19.49
CA TYR D 18 -4.78 3.80 18.70
C TYR D 18 -4.08 3.84 17.31
N SER D 19 -2.86 3.32 17.24
CA SER D 19 -2.11 3.29 15.99
C SER D 19 -2.80 2.43 15.01
N TRP D 20 -3.52 1.42 15.49
CA TRP D 20 -4.22 0.53 14.56
C TRP D 20 -5.42 1.25 13.99
N LEU D 21 -6.07 2.02 14.85
CA LEU D 21 -7.24 2.79 14.43
C LEU D 21 -6.79 3.85 13.39
N GLY D 22 -5.71 4.58 13.66
CA GLY D 22 -5.30 5.61 12.68
C GLY D 22 -4.85 4.96 11.36
N PHE D 23 -4.21 3.81 11.49
CA PHE D 23 -3.73 3.03 10.37
C PHE D 23 -4.89 2.59 9.45
N GLU D 24 -5.95 2.04 10.03
CA GLU D 24 -7.04 1.60 9.16
C GLU D 24 -7.74 2.79 8.48
N VAL D 25 -7.89 3.90 9.21
CA VAL D 25 -8.55 5.08 8.63
C VAL D 25 -7.76 5.54 7.40
N LEU D 26 -6.45 5.77 7.58
CA LEU D 26 -5.59 6.20 6.47
C LEU D 26 -5.57 5.17 5.35
N CYS D 27 -5.56 3.90 5.71
CA CYS D 27 -5.56 2.90 4.67
C CYS D 27 -6.80 3.01 3.84
N ARG D 28 -7.93 3.23 4.50
CA ARG D 28 -9.22 3.34 3.82
C ARG D 28 -9.35 4.58 2.97
N TYR D 29 -8.61 5.62 3.30
CA TYR D 29 -8.79 6.83 2.51
C TYR D 29 -7.80 7.00 1.35
N GLN D 30 -6.83 6.08 1.20
CA GLN D 30 -5.81 6.25 0.15
C GLN D 30 -6.42 6.15 -1.22
N HIS D 31 -7.61 5.58 -1.25
CA HIS D 31 -8.38 5.37 -2.47
C HIS D 31 -9.36 6.54 -2.70
N LEU D 32 -9.53 7.41 -1.71
CA LEU D 32 -10.47 8.55 -1.84
C LEU D 32 -9.80 9.94 -1.79
N TRP D 33 -8.64 10.05 -1.13
CA TRP D 33 -7.99 11.34 -1.07
C TRP D 33 -6.75 11.41 -1.99
N ASN D 34 -6.35 12.62 -2.39
CA ASN D 34 -5.15 12.71 -3.27
C ASN D 34 -3.89 12.60 -2.41
N ILE D 35 -3.69 11.44 -1.82
CA ILE D 35 -2.54 11.26 -0.91
C ILE D 35 -1.66 10.12 -1.32
N LYS D 36 -0.51 10.02 -0.66
CA LYS D 36 0.40 8.90 -0.89
C LYS D 36 0.78 8.45 0.53
N LEU D 37 0.36 7.24 0.91
CA LEU D 37 0.58 6.77 2.25
C LEU D 37 1.86 6.02 2.40
N LYS D 38 2.70 6.50 3.29
CA LYS D 38 3.96 5.78 3.53
C LYS D 38 3.94 5.29 4.97
N LEU D 39 3.84 3.97 5.16
CA LEU D 39 3.84 3.39 6.52
C LEU D 39 5.28 3.41 7.08
N ARG D 40 5.48 3.93 8.29
CA ARG D 40 6.83 4.00 8.84
C ARG D 40 6.91 3.20 10.15
N PRO D 41 7.25 1.90 10.11
CA PRO D 41 7.28 1.20 11.41
C PRO D 41 8.23 1.94 12.38
N ALA D 42 7.77 2.25 13.60
CA ALA D 42 8.58 2.94 14.59
C ALA D 42 8.41 2.25 15.95
N LEU D 43 9.30 2.51 16.92
CA LEU D 43 9.17 1.87 18.24
C LEU D 43 8.60 2.87 19.23
N LEU D 44 7.46 2.54 19.85
CA LEU D 44 6.80 3.45 20.80
C LEU D 44 7.74 3.75 21.96
N ALA D 45 8.34 2.69 22.48
CA ALA D 45 9.30 2.78 23.56
C ALA D 45 10.40 3.77 23.19
N GLY D 46 10.89 3.70 21.96
CA GLY D 46 12.00 4.58 21.59
C GLY D 46 11.54 6.04 21.51
N ILE D 47 10.27 6.22 21.22
CA ILE D 47 9.71 7.53 21.08
C ILE D 47 9.35 8.08 22.44
N MET D 48 8.73 7.26 23.26
CA MET D 48 8.35 7.82 24.54
C MET D 48 9.52 8.24 25.38
N LYS D 49 10.62 7.48 25.32
CA LYS D 49 11.83 7.78 26.08
C LYS D 49 12.37 9.14 25.67
N ASP D 50 12.59 9.30 24.38
CA ASP D 50 13.11 10.56 23.80
C ASP D 50 12.21 11.76 24.13
N SER D 51 10.96 11.53 24.46
CA SER D 51 10.13 12.68 24.75
C SER D 51 9.55 12.57 26.15
N GLY D 52 10.36 12.06 27.07
CA GLY D 52 9.88 11.89 28.44
C GLY D 52 9.03 10.63 28.55
N ASN D 53 9.72 9.50 28.76
CA ASN D 53 9.10 8.15 28.91
C ASN D 53 8.22 8.12 30.14
N GLN D 54 8.45 9.12 31.00
CA GLN D 54 7.72 9.29 32.27
C GLN D 54 6.23 9.11 32.06
N PRO D 55 5.48 8.97 33.19
CA PRO D 55 4.03 8.79 33.10
C PRO D 55 3.39 8.75 31.65
N PRO D 56 3.51 7.59 30.96
CA PRO D 56 2.95 7.38 29.59
C PRO D 56 1.40 7.41 29.64
N ALA D 57 0.86 6.85 30.73
CA ALA D 57 -0.60 6.78 31.04
C ALA D 57 -0.81 6.40 32.52
N MET D 58 0.21 6.72 33.34
CA MET D 58 0.25 6.43 34.80
C MET D 58 -1.08 6.69 35.48
N VAL D 59 -1.57 7.92 35.34
CA VAL D 59 -2.86 8.34 35.93
C VAL D 59 -3.85 7.17 35.94
N PRO D 60 -4.53 6.95 37.09
CA PRO D 60 -5.48 5.85 37.22
C PRO D 60 -6.74 6.10 36.39
N HIS D 61 -7.50 7.17 36.70
CA HIS D 61 -8.73 7.53 35.96
C HIS D 61 -8.53 7.40 34.43
N LYS D 62 -7.34 7.75 33.94
CA LYS D 62 -7.03 7.65 32.52
C LYS D 62 -7.01 6.20 32.04
N GLY D 63 -6.31 5.34 32.77
CA GLY D 63 -6.26 3.94 32.41
C GLY D 63 -7.66 3.35 32.24
N GLN D 64 -8.54 3.56 33.23
CA GLN D 64 -9.92 3.06 33.15
C GLN D 64 -10.56 3.63 31.90
N TYR D 65 -10.30 4.90 31.61
CA TYR D 65 -10.88 5.56 30.45
C TYR D 65 -10.48 4.82 29.15
N ILE D 66 -9.17 4.71 28.94
CA ILE D 66 -8.69 4.04 27.76
C ILE D 66 -9.35 2.67 27.57
N LEU D 67 -9.39 1.88 28.63
CA LEU D 67 -9.98 0.55 28.53
C LEU D 67 -11.47 0.60 28.33
N LYS D 68 -12.10 1.67 28.77
CA LYS D 68 -13.55 1.66 28.54
C LYS D 68 -13.85 2.24 27.18
N GLU D 69 -12.99 3.10 26.66
CA GLU D 69 -13.21 3.75 25.35
C GLU D 69 -12.93 2.86 24.15
N ILE D 70 -11.97 1.96 24.32
CA ILE D 70 -11.59 1.10 23.21
C ILE D 70 -12.72 0.31 22.62
N PRO D 71 -13.51 -0.31 23.49
CA PRO D 71 -14.66 -1.12 23.02
C PRO D 71 -15.74 -0.27 22.29
N LEU D 72 -15.73 1.06 22.51
CA LEU D 72 -16.70 1.89 21.83
C LEU D 72 -16.08 2.31 20.51
N LEU D 73 -14.82 2.78 20.56
CA LEU D 73 -14.13 3.22 19.33
C LEU D 73 -13.99 2.08 18.28
N LYS D 74 -13.82 0.83 18.75
CA LYS D 74 -13.69 -0.27 17.81
C LYS D 74 -14.97 -0.39 17.00
N GLN D 75 -16.13 -0.13 17.61
CA GLN D 75 -17.38 -0.24 16.84
C GLN D 75 -17.46 0.84 15.73
N LEU D 76 -17.27 2.11 16.13
CA LEU D 76 -17.22 3.31 15.27
C LEU D 76 -16.31 3.02 14.08
N PHE D 77 -15.05 2.62 14.39
CA PHE D 77 -14.00 2.37 13.38
C PHE D 77 -14.14 1.04 12.71
N GLN D 78 -14.92 0.13 13.30
CA GLN D 78 -15.08 -1.22 12.75
C GLN D 78 -13.71 -1.93 12.61
N VAL D 79 -13.04 -2.09 13.74
CA VAL D 79 -11.75 -2.76 13.79
C VAL D 79 -12.00 -3.72 14.95
N PRO D 80 -11.87 -5.04 14.66
CA PRO D 80 -12.09 -6.13 15.62
C PRO D 80 -11.13 -6.15 16.78
N MET D 81 -11.00 -5.08 17.56
CA MET D 81 -10.07 -5.22 18.64
C MET D 81 -10.67 -5.57 20.02
N SER D 82 -9.77 -5.95 20.94
CA SER D 82 -10.16 -6.37 22.27
C SER D 82 -9.02 -6.20 23.24
N VAL D 83 -9.34 -5.59 24.37
CA VAL D 83 -8.32 -5.35 25.39
C VAL D 83 -7.71 -6.64 25.95
N PRO D 84 -6.41 -6.88 25.68
CA PRO D 84 -5.76 -8.10 26.19
C PRO D 84 -5.91 -8.28 27.71
N LYS D 85 -5.73 -9.52 28.20
CA LYS D 85 -5.86 -9.88 29.62
C LYS D 85 -5.14 -8.85 30.48
N ASP D 86 -3.84 -8.70 30.32
CA ASP D 86 -3.08 -7.70 31.07
C ASP D 86 -2.29 -6.94 30.02
N PHE D 87 -2.49 -5.63 29.87
CA PHE D 87 -1.74 -4.94 28.81
C PHE D 87 -0.36 -4.31 29.10
N PHE D 88 0.09 -4.27 30.37
CA PHE D 88 1.41 -3.68 30.71
C PHE D 88 2.52 -4.63 31.22
N GLY D 89 2.12 -5.68 31.96
CA GLY D 89 3.07 -6.66 32.51
C GLY D 89 3.22 -7.85 31.58
N GLU D 90 2.34 -7.94 30.57
CA GLU D 90 2.37 -9.01 29.58
C GLU D 90 2.87 -8.55 28.19
N HIS D 91 2.18 -7.58 27.57
CA HIS D 91 2.54 -7.10 26.23
C HIS D 91 3.52 -5.92 26.23
N VAL D 92 3.19 -4.84 26.96
CA VAL D 92 4.07 -3.66 26.99
C VAL D 92 5.43 -4.01 27.64
N LYS D 93 5.39 -4.84 28.69
CA LYS D 93 6.60 -5.27 29.39
C LYS D 93 7.40 -6.17 28.43
N LYS D 94 6.72 -7.15 27.82
CA LYS D 94 7.39 -8.00 26.84
C LYS D 94 7.93 -7.18 25.66
N GLY D 95 7.30 -6.04 25.34
CA GLY D 95 7.77 -5.23 24.22
C GLY D 95 7.38 -5.74 22.81
N THR D 96 7.78 -4.98 21.81
CA THR D 96 7.53 -5.31 20.43
C THR D 96 8.77 -4.99 19.55
N VAL D 97 9.95 -5.18 20.11
CA VAL D 97 11.17 -4.96 19.37
C VAL D 97 11.33 -5.93 18.18
N ASN D 98 10.93 -7.19 18.31
CA ASN D 98 11.15 -8.08 17.17
C ASN D 98 10.10 -7.84 16.12
N ALA D 99 8.90 -7.55 16.58
CA ALA D 99 7.84 -7.29 15.66
C ALA D 99 8.18 -6.00 14.84
N MET D 100 8.63 -4.93 15.49
CA MET D 100 8.92 -3.71 14.75
C MET D 100 10.13 -3.79 13.86
N ARG D 101 11.04 -4.69 14.23
CA ARG D 101 12.25 -4.93 13.39
C ARG D 101 11.85 -5.77 12.18
N PHE D 102 11.01 -6.78 12.41
CA PHE D 102 10.52 -7.56 11.29
C PHE D 102 9.72 -6.66 10.28
N LEU D 103 8.85 -5.78 10.81
CA LEU D 103 8.12 -4.87 9.94
C LEU D 103 9.09 -3.99 9.22
N THR D 104 10.13 -3.56 9.90
CA THR D 104 11.19 -2.74 9.27
C THR D 104 11.84 -3.48 8.10
N ALA D 105 12.07 -4.78 8.27
CA ALA D 105 12.72 -5.55 7.21
C ALA D 105 11.75 -5.65 6.03
N VAL D 106 10.48 -5.86 6.35
CA VAL D 106 9.45 -5.97 5.33
C VAL D 106 9.36 -4.69 4.53
N SER D 107 9.43 -3.54 5.22
CA SER D 107 9.36 -2.26 4.54
C SER D 107 10.57 -2.05 3.61
N MET D 108 11.67 -2.71 3.94
CA MET D 108 12.88 -2.62 3.10
C MET D 108 12.87 -3.55 1.86
N GLU D 109 12.39 -4.77 2.00
CA GLU D 109 12.39 -5.68 0.87
C GLU D 109 11.04 -6.05 0.27
N GLN D 110 9.98 -6.06 1.10
CA GLN D 110 8.63 -6.41 0.66
C GLN D 110 7.69 -5.23 0.99
N PRO D 111 8.05 -4.05 0.55
CA PRO D 111 7.13 -2.95 0.89
C PRO D 111 5.63 -3.19 0.52
N GLU D 112 5.31 -3.96 -0.52
CA GLU D 112 3.90 -4.17 -0.82
C GLU D 112 3.21 -5.04 0.16
N MET D 113 3.98 -5.64 1.08
CA MET D 113 3.34 -6.50 2.10
C MET D 113 3.26 -5.78 3.46
N LEU D 114 3.83 -4.59 3.56
CA LEU D 114 3.82 -3.87 4.81
C LEU D 114 2.43 -3.72 5.42
N GLU D 115 1.47 -3.27 4.61
CA GLU D 115 0.10 -3.06 5.12
C GLU D 115 -0.52 -4.31 5.78
N LYS D 116 -0.54 -5.40 5.02
CA LYS D 116 -1.10 -6.65 5.51
C LYS D 116 -0.37 -7.27 6.69
N VAL D 117 0.95 -7.30 6.65
CA VAL D 117 1.64 -7.93 7.73
C VAL D 117 1.32 -7.11 8.96
N SER D 118 1.40 -5.78 8.83
CA SER D 118 1.12 -4.94 9.96
C SER D 118 -0.25 -5.31 10.51
N ARG D 119 -1.26 -5.31 9.64
CA ARG D 119 -2.59 -5.65 10.11
C ARG D 119 -2.63 -7.04 10.79
N GLU D 120 -1.84 -8.02 10.32
CA GLU D 120 -1.90 -9.33 11.01
C GLU D 120 -1.23 -9.27 12.37
N LEU D 121 -0.16 -8.50 12.53
CA LEU D 121 0.48 -8.43 13.85
C LEU D 121 -0.51 -7.82 14.84
N TRP D 122 -1.31 -6.85 14.41
CA TRP D 122 -2.28 -6.24 15.33
C TRP D 122 -3.37 -7.23 15.64
N MET D 123 -3.74 -8.03 14.66
CA MET D 123 -4.80 -9.00 14.85
C MET D 123 -4.42 -9.98 15.98
N ARG D 124 -3.12 -10.25 16.10
CA ARG D 124 -2.62 -11.12 17.14
C ARG D 124 -2.70 -10.41 18.47
N ILE D 125 -1.83 -9.45 18.72
CA ILE D 125 -1.81 -8.73 20.00
C ILE D 125 -3.09 -8.00 20.41
N TRP D 126 -3.67 -7.23 19.49
CA TRP D 126 -4.86 -6.46 19.82
C TRP D 126 -6.27 -7.00 19.47
N SER D 127 -6.33 -8.17 18.84
CA SER D 127 -7.63 -8.79 18.55
C SER D 127 -7.80 -10.18 19.18
N ARG D 128 -6.73 -10.98 19.26
CA ARG D 128 -6.85 -12.34 19.83
C ARG D 128 -6.02 -12.52 21.08
N ASP D 129 -5.42 -11.43 21.56
CA ASP D 129 -4.56 -11.44 22.74
C ASP D 129 -3.40 -12.48 22.70
N GLU D 130 -2.92 -12.83 21.49
CA GLU D 130 -1.79 -13.78 21.35
C GLU D 130 -0.44 -13.03 21.44
N ASP D 131 0.64 -13.78 21.52
CA ASP D 131 1.98 -13.18 21.59
C ASP D 131 2.60 -12.81 20.19
N ILE D 132 3.45 -11.80 20.16
CA ILE D 132 4.05 -11.41 18.89
C ILE D 132 5.49 -11.09 19.15
N THR D 133 6.06 -11.87 20.06
CA THR D 133 7.44 -11.68 20.44
C THR D 133 8.33 -12.84 19.98
N GLU D 134 7.72 -14.02 19.86
CA GLU D 134 8.40 -15.23 19.45
C GLU D 134 8.37 -15.36 17.93
N SER D 135 9.55 -15.60 17.34
CA SER D 135 9.68 -15.75 15.91
C SER D 135 8.54 -16.54 15.22
N GLN D 136 8.23 -17.72 15.72
CA GLN D 136 7.22 -18.54 15.07
C GLN D 136 5.83 -17.91 15.11
N ASN D 137 5.70 -16.93 15.97
CA ASN D 137 4.44 -16.20 16.12
C ASN D 137 4.44 -15.07 15.08
N ILE D 138 5.54 -14.32 15.02
CA ILE D 138 5.65 -13.24 14.03
C ILE D 138 5.54 -13.87 12.62
N LEU D 139 6.12 -15.07 12.46
CA LEU D 139 6.10 -15.80 11.19
C LEU D 139 4.70 -16.20 10.79
N SER D 140 3.93 -16.61 11.78
CA SER D 140 2.56 -16.99 11.55
C SER D 140 1.72 -15.79 11.02
N ALA D 141 2.03 -14.60 11.54
CA ALA D 141 1.33 -13.37 11.16
C ALA D 141 1.67 -13.03 9.72
N ALA D 142 2.97 -13.12 9.36
CA ALA D 142 3.39 -12.85 7.99
C ALA D 142 2.71 -13.86 7.08
N GLU D 143 2.62 -15.12 7.49
CA GLU D 143 1.98 -16.08 6.61
C GLU D 143 0.47 -15.85 6.40
N LYS D 144 -0.22 -15.42 7.46
CA LYS D 144 -1.66 -15.20 7.27
C LYS D 144 -1.84 -14.01 6.40
N ALA D 145 -0.82 -13.14 6.39
CA ALA D 145 -0.87 -11.93 5.60
C ALA D 145 -0.65 -12.25 4.16
N GLY D 146 -0.30 -13.50 3.85
CA GLY D 146 -0.07 -13.88 2.46
C GLY D 146 1.41 -13.98 2.05
N MET D 147 2.31 -13.81 3.00
CA MET D 147 3.71 -13.90 2.68
C MET D 147 4.15 -15.37 2.69
N ALA D 148 4.88 -15.79 1.66
CA ALA D 148 5.40 -17.16 1.56
C ALA D 148 6.33 -17.45 2.77
N THR D 149 6.25 -18.67 3.33
CA THR D 149 7.08 -19.06 4.48
C THR D 149 8.57 -18.79 4.33
N ALA D 150 9.14 -19.13 3.19
CA ALA D 150 10.57 -18.92 2.99
C ALA D 150 10.96 -17.44 3.03
N GLN D 151 10.14 -16.62 2.36
CA GLN D 151 10.34 -15.17 2.33
C GLN D 151 10.25 -14.61 3.73
N ALA D 152 9.21 -15.00 4.46
CA ALA D 152 9.04 -14.51 5.83
C ALA D 152 10.22 -14.93 6.71
N GLN D 153 10.66 -16.19 6.61
CA GLN D 153 11.79 -16.65 7.41
C GLN D 153 13.03 -15.85 7.05
N HIS D 154 13.22 -15.66 5.76
CA HIS D 154 14.38 -14.92 5.30
C HIS D 154 14.46 -13.54 5.94
N LEU D 155 13.31 -12.83 6.01
CA LEU D 155 13.29 -11.50 6.62
C LEU D 155 13.45 -11.63 8.16
N LEU D 156 12.85 -12.67 8.75
CA LEU D 156 13.03 -12.83 10.19
C LEU D 156 14.53 -12.90 10.52
N ASN D 157 15.23 -13.73 9.76
CA ASN D 157 16.66 -13.92 10.01
C ASN D 157 17.45 -12.65 10.00
N LYS D 158 16.93 -11.63 9.34
CA LYS D 158 17.65 -10.36 9.26
C LYS D 158 17.34 -9.32 10.33
N ILE D 159 16.32 -9.54 11.15
CA ILE D 159 15.98 -8.54 12.16
C ILE D 159 17.13 -8.27 13.12
N SER D 160 18.08 -9.19 13.19
CA SER D 160 19.24 -9.05 14.07
C SER D 160 20.35 -8.23 13.40
N THR D 161 20.27 -8.13 12.08
CA THR D 161 21.27 -7.39 11.30
C THR D 161 21.41 -5.94 11.74
N GLU D 162 22.48 -5.30 11.31
CA GLU D 162 22.72 -3.92 11.66
C GLU D 162 21.90 -3.00 10.73
N LEU D 163 21.74 -3.46 9.49
CA LEU D 163 20.97 -2.69 8.51
C LEU D 163 19.53 -2.50 9.00
N VAL D 164 18.92 -3.55 9.49
CA VAL D 164 17.55 -3.47 10.00
C VAL D 164 17.51 -2.68 11.33
N LYS D 165 18.38 -3.09 12.27
CA LYS D 165 18.43 -2.46 13.58
C LYS D 165 18.55 -0.97 13.45
N SER D 166 19.46 -0.47 12.64
CA SER D 166 19.55 0.97 12.53
C SER D 166 18.47 1.62 11.68
N LYS D 167 17.85 0.87 10.79
CA LYS D 167 16.77 1.43 9.98
C LYS D 167 15.58 1.70 10.91
N LEU D 168 15.34 0.78 11.85
CA LEU D 168 14.26 1.00 12.80
C LEU D 168 14.66 2.21 13.63
N ARG D 169 15.93 2.32 14.05
CA ARG D 169 16.39 3.45 14.88
C ARG D 169 16.25 4.79 14.19
N GLU D 170 16.53 4.75 12.92
CA GLU D 170 16.49 5.94 12.09
C GLU D 170 15.00 6.39 11.91
N THR D 171 14.11 5.42 11.67
CA THR D 171 12.72 5.75 11.41
C THR D 171 12.07 6.26 12.64
N THR D 172 12.45 5.72 13.79
CA THR D 172 11.81 6.26 14.96
C THR D 172 12.45 7.59 15.36
N GLY D 173 13.68 7.84 14.89
CA GLY D 173 14.33 9.11 15.17
C GLY D 173 13.74 10.20 14.30
N ALA D 174 13.31 9.81 13.10
CA ALA D 174 12.70 10.77 12.20
C ALA D 174 11.37 11.24 12.82
N ALA D 175 10.63 10.35 13.45
CA ALA D 175 9.40 10.83 14.08
C ALA D 175 9.74 11.85 15.17
N CYS D 176 10.73 11.54 16.02
CA CYS D 176 11.15 12.49 17.08
C CYS D 176 11.57 13.85 16.49
N LYS D 177 12.39 13.85 15.42
CA LYS D 177 12.81 15.10 14.79
C LYS D 177 11.58 15.85 14.32
N TYR D 178 10.49 15.13 14.07
CA TYR D 178 9.28 15.91 13.65
C TYR D 178 8.48 16.41 14.85
N GLY D 179 8.96 16.10 16.07
CA GLY D 179 8.29 16.56 17.27
C GLY D 179 7.40 15.52 17.91
N ALA D 180 7.46 14.27 17.43
CA ALA D 180 6.57 13.28 18.01
C ALA D 180 6.85 13.05 19.47
N PHE D 181 5.80 12.73 20.22
CA PHE D 181 5.92 12.44 21.63
C PHE D 181 5.11 11.18 21.92
N GLY D 182 4.52 10.57 20.90
CA GLY D 182 3.76 9.36 21.14
C GLY D 182 3.34 8.77 19.82
N LEU D 183 2.43 7.80 19.85
CA LEU D 183 1.97 7.19 18.59
C LEU D 183 0.49 6.95 18.66
N PRO D 184 -0.18 6.99 17.51
CA PRO D 184 0.38 7.25 16.18
C PRO D 184 0.73 8.70 15.91
N THR D 185 1.74 8.95 15.05
CA THR D 185 2.10 10.29 14.63
C THR D 185 2.04 10.30 13.08
N THR D 186 1.29 11.22 12.49
CA THR D 186 1.15 11.32 11.01
C THR D 186 1.78 12.58 10.56
N VAL D 187 2.63 12.51 9.54
CA VAL D 187 3.28 13.73 9.08
C VAL D 187 2.81 13.93 7.67
N ALA D 188 2.18 15.09 7.43
CA ALA D 188 1.63 15.39 6.13
C ALA D 188 2.44 16.50 5.45
N HIS D 189 2.83 16.25 4.20
CA HIS D 189 3.59 17.22 3.43
C HIS D 189 2.66 17.79 2.42
N VAL D 190 2.25 19.06 2.60
CA VAL D 190 1.27 19.74 1.73
C VAL D 190 1.85 21.06 1.25
N ASP D 191 1.92 21.25 -0.09
CA ASP D 191 2.45 22.47 -0.73
C ASP D 191 3.62 23.03 0.08
N GLY D 192 4.64 22.22 0.26
CA GLY D 192 5.80 22.68 0.97
C GLY D 192 5.66 22.80 2.48
N LYS D 193 4.45 22.73 2.99
CA LYS D 193 4.31 22.81 4.44
C LYS D 193 4.36 21.40 5.04
N THR D 194 4.73 21.34 6.32
CA THR D 194 4.77 20.08 7.04
C THR D 194 3.90 20.14 8.29
N TYR D 195 2.99 19.19 8.44
CA TYR D 195 2.10 19.18 9.63
C TYR D 195 2.29 17.89 10.38
N MET D 196 2.42 17.97 11.68
CA MET D 196 2.58 16.75 12.46
C MET D 196 1.31 16.63 13.32
N LEU D 197 0.58 15.55 13.11
CA LEU D 197 -0.68 15.33 13.83
C LEU D 197 -0.58 14.08 14.71
N PHE D 198 -0.94 14.23 15.98
CA PHE D 198 -0.92 13.13 16.91
C PHE D 198 -2.25 12.42 17.09
N GLY D 199 -2.25 11.08 17.06
CA GLY D 199 -3.46 10.32 17.29
C GLY D 199 -4.39 9.89 16.16
N SER D 200 -5.28 8.98 16.52
CA SER D 200 -6.20 8.50 15.56
C SER D 200 -7.49 9.38 15.48
N ASP D 201 -7.55 10.49 16.23
CA ASP D 201 -8.68 11.40 16.16
C ASP D 201 -8.31 12.74 15.53
N ARG D 202 -7.38 12.73 14.61
CA ARG D 202 -7.02 13.99 13.97
C ARG D 202 -7.19 13.79 12.50
N MET D 203 -7.82 12.68 12.07
CA MET D 203 -7.97 12.48 10.66
C MET D 203 -8.93 13.52 10.04
N GLU D 204 -9.85 14.01 10.85
CA GLU D 204 -10.79 15.05 10.39
C GLU D 204 -10.03 16.36 10.19
N LEU D 205 -9.11 16.70 11.07
CA LEU D 205 -8.31 17.94 10.91
C LEU D 205 -7.40 17.73 9.67
N LEU D 206 -6.83 16.55 9.52
CA LEU D 206 -5.98 16.30 8.36
C LEU D 206 -6.75 16.58 7.07
N ALA D 207 -7.96 16.05 7.00
CA ALA D 207 -8.81 16.25 5.81
C ALA D 207 -8.97 17.74 5.56
N TYR D 208 -9.16 18.50 6.63
CA TYR D 208 -9.32 19.94 6.45
C TYR D 208 -8.04 20.57 5.90
N LEU D 209 -6.88 20.15 6.42
CA LEU D 209 -5.60 20.70 5.93
C LEU D 209 -5.37 20.26 4.47
N LEU D 210 -5.84 19.07 4.12
CA LEU D 210 -5.60 18.60 2.74
C LEU D 210 -6.65 19.10 1.75
N GLY D 211 -7.65 19.85 2.22
CA GLY D 211 -8.68 20.26 1.29
C GLY D 211 -9.49 19.03 0.88
N GLU D 212 -9.51 18.00 1.73
CA GLU D 212 -10.26 16.80 1.36
C GLU D 212 -11.54 16.69 2.21
N LYS D 213 -12.43 15.82 1.77
CA LYS D 213 -13.71 15.59 2.42
C LYS D 213 -13.65 14.43 3.37
N TRP D 214 -14.03 14.72 4.61
CA TRP D 214 -14.01 13.76 5.69
C TRP D 214 -15.29 13.01 5.63
N MET D 215 -15.23 11.69 5.63
CA MET D 215 -16.51 10.97 5.62
C MET D 215 -16.60 9.94 6.71
N GLY D 216 -15.98 10.21 7.86
CA GLY D 216 -16.02 9.27 8.96
C GLY D 216 -14.89 8.27 8.88
N PRO D 217 -14.62 7.50 9.97
CA PRO D 217 -13.56 6.48 10.05
C PRO D 217 -13.80 5.37 9.08
N VAL D 218 -15.04 5.28 8.58
CA VAL D 218 -15.40 4.23 7.64
C VAL D 218 -16.02 4.85 6.43
N PRO D 219 -15.18 5.44 5.55
CA PRO D 219 -15.69 6.07 4.36
C PRO D 219 -16.31 5.06 3.45
N PRO D 220 -17.21 5.51 2.56
CA PRO D 220 -17.88 4.63 1.59
C PRO D 220 -16.76 4.07 0.72
N THR D 221 -16.73 2.73 0.66
CA THR D 221 -15.77 1.85 -0.06
C THR D 221 -15.56 2.08 -1.57
N LEU D 222 -16.52 2.78 -2.17
CA LEU D 222 -16.46 3.04 -3.60
C LEU D 222 -16.31 4.56 -3.87
#